data_7P5J
#
_entry.id   7P5J
#
_cell.length_a   1.00
_cell.length_b   1.00
_cell.length_c   1.00
_cell.angle_alpha   90.00
_cell.angle_beta   90.00
_cell.angle_gamma   90.00
#
_symmetry.space_group_name_H-M   'P 1'
#
loop_
_entity.id
_entity.type
_entity.pdbx_description
1 polymer 'Protein tweety homolog 1'
2 branched 2-acetamido-2-deoxy-beta-D-glucopyranose-(1-4)-2-acetamido-2-deoxy-beta-D-glucopyranose
3 non-polymer 2-acetamido-2-deoxy-beta-D-glucopyranose
#
_entity_poly.entity_id   1
_entity_poly.type   'polypeptide(L)'
_entity_poly.pdbx_seq_one_letter_code
;MSGAPPGYRPSAWVHLLHQLPRADFQLRPVPSVFAPQEQEYQQALLLVAALAGLGLGLSLIFIAVYLIRFCCCRPPEPPG
SKIPSPGGGCVTWSCIVALLAGCTGIGIGFYGNSETSDGVSQLSSALLHANHTLSTIDHLVLETVERLGEAVRTELTTLE
EVLEPRTELVAAARGARRQAEAAAQQLQGLAFWQGVPLSPLQVAENVSFVEEYRWLAYVLLLLLELLVCLFTLLGLAKQS
KWLVIVMTVMSLLVLVLSWGSMGLEAATAVGLSDFCSNPDPYVLNLTQEETGLSSDILSYYLLCNRAVSNPFQQRLTLSQ
RALANIHSQLLGLEREAVPQFPSAQKPLLSLEETLNVTEGNFHQLVALLHCRSLHKDYGAALRGLCEDALEGLLFLLLFS
LLSAGALATALCSLPRAWALFPPSDDYDDTDDDDPFNPQESKRFVQWQSSIALEVLFQ
;
_entity_poly.pdbx_strand_id   A,B
#
loop_
_chem_comp.id
_chem_comp.type
_chem_comp.name
_chem_comp.formula
NAG D-saccharide, beta linking 2-acetamido-2-deoxy-beta-D-glucopyranose 'C8 H15 N O6'
#
# COMPACT_ATOMS: atom_id res chain seq x y z
N PRO A 6 0.22 6.31 12.89
CA PRO A 6 0.14 7.38 11.90
C PRO A 6 -1.30 7.84 11.64
N GLY A 7 -2.09 6.99 10.98
CA GLY A 7 -3.46 7.32 10.69
C GLY A 7 -3.64 7.93 9.31
N TYR A 8 -4.89 8.25 9.01
CA TYR A 8 -5.26 8.85 7.74
C TYR A 8 -5.37 10.35 7.90
N ARG A 9 -4.67 11.09 7.05
CA ARG A 9 -4.68 12.55 7.06
C ARG A 9 -5.30 13.07 5.77
N PRO A 10 -6.45 13.73 5.83
CA PRO A 10 -7.05 14.26 4.60
C PRO A 10 -6.14 15.28 3.93
N SER A 11 -6.12 15.25 2.60
CA SER A 11 -5.24 16.12 1.83
C SER A 11 -5.81 17.52 1.74
N ALA A 12 -5.11 18.39 1.01
CA ALA A 12 -5.57 19.75 0.82
C ALA A 12 -6.70 19.83 -0.19
N TRP A 13 -6.63 19.02 -1.25
CA TRP A 13 -7.65 19.07 -2.30
C TRP A 13 -9.01 18.64 -1.78
N VAL A 14 -9.05 17.60 -0.94
CA VAL A 14 -10.33 17.12 -0.41
C VAL A 14 -10.96 18.18 0.49
N HIS A 15 -10.15 18.87 1.31
CA HIS A 15 -10.68 19.94 2.14
C HIS A 15 -11.14 21.12 1.30
N LEU A 16 -10.40 21.42 0.22
CA LEU A 16 -10.80 22.52 -0.65
C LEU A 16 -12.13 22.25 -1.34
N LEU A 17 -12.32 21.03 -1.85
CA LEU A 17 -13.59 20.69 -2.48
C LEU A 17 -14.72 20.50 -1.48
N HIS A 18 -14.40 20.14 -0.24
CA HIS A 18 -15.44 19.94 0.76
C HIS A 18 -16.18 21.24 1.08
N GLN A 19 -15.43 22.34 1.23
CA GLN A 19 -16.03 23.60 1.65
C GLN A 19 -16.86 24.26 0.56
N LEU A 20 -16.83 23.75 -0.67
CA LEU A 20 -17.57 24.35 -1.76
C LEU A 20 -19.06 24.35 -1.43
N PRO A 21 -19.79 25.42 -1.76
CA PRO A 21 -21.23 25.45 -1.46
C PRO A 21 -22.05 24.74 -2.53
N ARG A 22 -22.98 23.91 -2.07
CA ARG A 22 -23.84 23.13 -2.96
C ARG A 22 -25.28 23.60 -2.77
N ALA A 23 -26.07 23.48 -3.84
CA ALA A 23 -27.44 23.97 -3.84
C ALA A 23 -28.35 22.98 -4.57
N ASP A 24 -29.63 23.08 -4.25
CA ASP A 24 -30.67 22.26 -4.88
C ASP A 24 -31.84 23.15 -5.26
N PHE A 25 -32.47 22.85 -6.39
CA PHE A 25 -33.57 23.67 -6.88
C PHE A 25 -34.77 23.61 -5.93
N GLN A 26 -35.05 22.43 -5.36
CA GLN A 26 -36.12 22.35 -4.36
C GLN A 26 -35.70 23.02 -3.06
N LEU A 27 -34.65 22.52 -2.42
CA LEU A 27 -34.18 23.03 -1.13
C LEU A 27 -32.69 23.36 -1.27
N ARG A 28 -32.40 24.65 -1.45
CA ARG A 28 -31.05 25.14 -1.65
C ARG A 28 -30.10 24.78 -0.52
N PRO A 29 -30.45 25.00 0.77
CA PRO A 29 -29.47 24.72 1.84
C PRO A 29 -29.28 23.24 2.10
N VAL A 30 -28.44 22.58 1.31
CA VAL A 30 -28.11 21.18 1.52
C VAL A 30 -27.11 21.08 2.67
N PRO A 31 -27.10 19.99 3.44
CA PRO A 31 -26.16 19.87 4.56
C PRO A 31 -24.72 19.67 4.13
N SER A 32 -24.46 19.35 2.86
CA SER A 32 -23.10 19.10 2.37
C SER A 32 -22.42 17.99 3.16
N VAL A 33 -23.19 16.95 3.48
CA VAL A 33 -22.70 15.78 4.20
C VAL A 33 -23.01 14.55 3.36
N PHE A 34 -22.02 13.67 3.24
CA PHE A 34 -22.18 12.48 2.39
C PHE A 34 -23.36 11.63 2.85
N ALA A 35 -24.33 11.46 1.96
CA ALA A 35 -25.49 10.62 2.23
C ALA A 35 -26.05 10.14 0.89
N PRO A 36 -25.71 8.92 0.47
CA PRO A 36 -26.24 8.40 -0.80
C PRO A 36 -27.72 8.02 -0.74
N GLN A 37 -28.40 8.28 0.37
CA GLN A 37 -29.83 8.02 0.48
C GLN A 37 -30.67 9.29 0.51
N GLU A 38 -30.07 10.45 0.74
CA GLU A 38 -30.78 11.72 0.76
C GLU A 38 -30.87 12.25 -0.66
N GLN A 39 -32.09 12.54 -1.12
CA GLN A 39 -32.31 12.96 -2.50
C GLN A 39 -31.58 14.26 -2.81
N GLU A 40 -31.68 15.24 -1.90
CA GLU A 40 -31.07 16.55 -2.12
C GLU A 40 -29.59 16.41 -2.47
N TYR A 41 -28.90 15.44 -1.88
CA TYR A 41 -27.52 15.17 -2.25
C TYR A 41 -27.41 14.80 -3.72
N GLN A 42 -28.32 13.94 -4.20
CA GLN A 42 -28.25 13.53 -5.60
C GLN A 42 -28.52 14.69 -6.55
N GLN A 43 -29.54 15.52 -6.28
CA GLN A 43 -29.73 16.66 -7.18
C GLN A 43 -28.59 17.66 -7.07
N ALA A 44 -28.00 17.82 -5.89
CA ALA A 44 -26.85 18.71 -5.76
C ALA A 44 -25.68 18.22 -6.60
N LEU A 45 -25.44 16.90 -6.61
CA LEU A 45 -24.36 16.36 -7.42
C LEU A 45 -24.67 16.48 -8.91
N LEU A 46 -25.93 16.28 -9.30
CA LEU A 46 -26.31 16.45 -10.70
C LEU A 46 -26.20 17.90 -11.14
N LEU A 47 -26.30 18.85 -10.20
CA LEU A 47 -26.18 20.26 -10.56
C LEU A 47 -24.80 20.58 -11.11
N VAL A 48 -23.76 19.87 -10.66
CA VAL A 48 -22.42 20.10 -11.20
C VAL A 48 -22.35 19.70 -12.67
N ALA A 49 -22.92 18.55 -13.01
CA ALA A 49 -22.97 18.15 -14.42
C ALA A 49 -23.82 19.11 -15.23
N ALA A 50 -24.89 19.63 -14.64
CA ALA A 50 -25.70 20.63 -15.32
C ALA A 50 -24.88 21.89 -15.59
N LEU A 51 -24.07 22.31 -14.62
CA LEU A 51 -23.21 23.48 -14.82
C LEU A 51 -22.18 23.22 -15.91
N ALA A 52 -21.64 22.00 -15.97
CA ALA A 52 -20.71 21.66 -17.04
C ALA A 52 -21.39 21.70 -18.40
N GLY A 53 -22.63 21.23 -18.48
CA GLY A 53 -23.39 21.37 -19.71
C GLY A 53 -23.65 22.81 -20.08
N LEU A 54 -23.88 23.66 -19.07
CA LEU A 54 -24.02 25.09 -19.32
C LEU A 54 -22.73 25.67 -19.88
N GLY A 55 -21.59 25.23 -19.36
CA GLY A 55 -20.32 25.65 -19.93
C GLY A 55 -20.15 25.17 -21.37
N LEU A 56 -20.59 23.94 -21.65
CA LEU A 56 -20.63 23.47 -23.03
C LEU A 56 -21.43 24.41 -23.91
N GLY A 57 -22.63 24.78 -23.46
CA GLY A 57 -23.46 25.67 -24.24
C GLY A 57 -22.82 27.04 -24.46
N LEU A 58 -22.19 27.58 -23.41
CA LEU A 58 -21.53 28.87 -23.53
C LEU A 58 -20.37 28.81 -24.52
N SER A 59 -19.57 27.74 -24.46
CA SER A 59 -18.47 27.59 -25.40
C SER A 59 -18.99 27.45 -26.83
N LEU A 60 -20.08 26.71 -27.02
CA LEU A 60 -20.66 26.56 -28.34
C LEU A 60 -21.16 27.90 -28.87
N ILE A 61 -21.81 28.69 -28.01
CA ILE A 61 -22.27 30.01 -28.43
C ILE A 61 -21.07 30.90 -28.81
N PHE A 62 -20.01 30.85 -28.01
CA PHE A 62 -18.86 31.69 -28.30
C PHE A 62 -18.18 31.31 -29.62
N ILE A 63 -18.03 30.01 -29.87
CA ILE A 63 -17.39 29.60 -31.12
C ILE A 63 -18.29 29.91 -32.31
N ALA A 64 -19.61 29.72 -32.15
CA ALA A 64 -20.54 30.09 -33.22
C ALA A 64 -20.46 31.58 -33.51
N VAL A 65 -20.37 32.41 -32.47
CA VAL A 65 -20.23 33.85 -32.65
C VAL A 65 -18.93 34.16 -33.38
N TYR A 66 -17.84 33.47 -33.04
CA TYR A 66 -16.57 33.71 -33.70
C TYR A 66 -16.66 33.40 -35.19
N LEU A 67 -17.19 32.23 -35.55
CA LEU A 67 -17.32 31.88 -36.96
C LEU A 67 -18.27 32.82 -37.69
N ILE A 68 -19.37 33.23 -37.05
CA ILE A 68 -20.31 34.15 -37.69
C ILE A 68 -19.65 35.50 -37.94
N ARG A 69 -18.91 36.01 -36.96
CA ARG A 69 -18.21 37.28 -37.13
C ARG A 69 -17.17 37.18 -38.23
N PHE A 70 -16.50 36.03 -38.33
CA PHE A 70 -15.61 35.80 -39.47
C PHE A 70 -16.40 35.79 -40.77
N CYS A 71 -17.57 35.18 -40.76
CA CYS A 71 -18.44 35.14 -41.95
C CYS A 71 -19.10 36.48 -42.18
N VAL A 91 -4.00 32.71 -38.04
CA VAL A 91 -2.64 32.19 -38.17
C VAL A 91 -2.64 30.70 -37.83
N THR A 92 -2.02 29.90 -38.70
CA THR A 92 -1.98 28.46 -38.48
C THR A 92 -1.13 28.09 -37.27
N TRP A 93 -0.08 28.88 -36.98
CA TRP A 93 0.78 28.58 -35.84
C TRP A 93 -0.02 28.53 -34.55
N SER A 94 -1.10 29.31 -34.46
CA SER A 94 -2.03 29.18 -33.34
C SER A 94 -2.64 27.78 -33.31
N CYS A 95 -2.99 27.25 -34.48
CA CYS A 95 -3.54 25.89 -34.53
C CYS A 95 -2.52 24.85 -34.08
N ILE A 96 -1.27 24.99 -34.52
CA ILE A 96 -0.23 24.05 -34.07
C ILE A 96 -0.03 24.15 -32.56
N VAL A 97 0.00 25.37 -32.02
CA VAL A 97 0.16 25.53 -30.57
C VAL A 97 -1.02 24.88 -29.84
N ALA A 98 -2.24 25.06 -30.36
CA ALA A 98 -3.40 24.43 -29.75
C ALA A 98 -3.30 22.91 -29.80
N LEU A 99 -2.78 22.36 -30.88
CA LEU A 99 -2.66 20.91 -30.99
C LEU A 99 -1.61 20.34 -30.03
N LEU A 100 -0.49 21.03 -29.85
CA LEU A 100 0.45 20.59 -28.82
C LEU A 100 -0.12 20.76 -27.42
N ALA A 101 -0.93 21.80 -27.20
CA ALA A 101 -1.63 21.92 -25.93
C ALA A 101 -2.57 20.74 -25.71
N GLY A 102 -3.27 20.32 -26.75
CA GLY A 102 -4.13 19.15 -26.65
C GLY A 102 -3.33 17.88 -26.41
N CYS A 103 -2.14 17.78 -26.99
CA CYS A 103 -1.27 16.64 -26.72
C CYS A 103 -0.87 16.59 -25.26
N THR A 104 -0.51 17.75 -24.69
CA THR A 104 -0.23 17.81 -23.26
C THR A 104 -1.45 17.42 -22.44
N GLY A 105 -2.62 17.88 -22.87
CA GLY A 105 -3.85 17.53 -22.17
C GLY A 105 -4.13 16.04 -22.18
N ILE A 106 -3.92 15.39 -23.33
CA ILE A 106 -4.21 13.96 -23.40
C ILE A 106 -3.13 13.15 -22.68
N GLY A 107 -1.90 13.67 -22.58
CA GLY A 107 -0.93 13.06 -21.69
C GLY A 107 -1.38 13.14 -20.24
N ILE A 108 -1.91 14.30 -19.84
CA ILE A 108 -2.49 14.45 -18.51
C ILE A 108 -3.65 13.47 -18.33
N GLY A 109 -4.42 13.25 -19.39
CA GLY A 109 -5.51 12.29 -19.34
C GLY A 109 -5.03 10.87 -19.13
N PHE A 110 -3.97 10.47 -19.84
CA PHE A 110 -3.33 9.19 -19.57
C PHE A 110 -2.93 9.06 -18.11
N TYR A 111 -2.27 10.10 -17.59
CA TYR A 111 -1.81 10.05 -16.20
C TYR A 111 -2.99 9.93 -15.25
N GLY A 112 -4.06 10.70 -15.48
CA GLY A 112 -5.20 10.64 -14.59
C GLY A 112 -5.93 9.32 -14.64
N ASN A 113 -6.09 8.75 -15.83
CA ASN A 113 -6.73 7.45 -15.96
C ASN A 113 -5.91 6.37 -15.25
N SER A 114 -4.59 6.39 -15.43
CA SER A 114 -3.74 5.44 -14.74
C SER A 114 -3.82 5.62 -13.23
N GLU A 115 -3.84 6.87 -12.76
CA GLU A 115 -3.89 7.14 -11.33
C GLU A 115 -5.20 6.63 -10.72
N THR A 116 -6.33 6.93 -11.36
CA THR A 116 -7.60 6.50 -10.80
C THR A 116 -7.77 4.99 -10.88
N SER A 117 -7.26 4.36 -11.95
CA SER A 117 -7.29 2.90 -12.02
C SER A 117 -6.45 2.30 -10.92
N ASP A 118 -5.27 2.88 -10.64
CA ASP A 118 -4.43 2.40 -9.55
C ASP A 118 -5.15 2.54 -8.20
N GLY A 119 -5.83 3.68 -8.00
CA GLY A 119 -6.53 3.87 -6.73
C GLY A 119 -7.65 2.88 -6.52
N VAL A 120 -8.47 2.67 -7.56
CA VAL A 120 -9.57 1.73 -7.41
C VAL A 120 -9.04 0.29 -7.31
N SER A 121 -7.92 -0.01 -7.96
CA SER A 121 -7.29 -1.32 -7.80
C SER A 121 -6.79 -1.51 -6.38
N GLN A 122 -6.24 -0.46 -5.77
CA GLN A 122 -5.84 -0.53 -4.37
C GLN A 122 -7.03 -0.79 -3.47
N LEU A 123 -8.16 -0.11 -3.74
CA LEU A 123 -9.37 -0.35 -2.95
C LEU A 123 -9.84 -1.79 -3.09
N SER A 124 -9.85 -2.31 -4.32
CA SER A 124 -10.28 -3.69 -4.54
C SER A 124 -9.35 -4.68 -3.85
N SER A 125 -8.05 -4.43 -3.91
CA SER A 125 -7.09 -5.30 -3.23
C SER A 125 -7.28 -5.27 -1.73
N ALA A 126 -7.56 -4.08 -1.18
CA ALA A 126 -7.82 -3.98 0.25
C ALA A 126 -9.06 -4.77 0.63
N LEU A 127 -10.12 -4.68 -0.17
CA LEU A 127 -11.34 -5.45 0.13
C LEU A 127 -11.08 -6.95 0.04
N LEU A 128 -10.31 -7.37 -0.97
CA LEU A 128 -9.95 -8.79 -1.09
C LEU A 128 -9.15 -9.26 0.12
N HIS A 129 -8.21 -8.43 0.57
CA HIS A 129 -7.41 -8.80 1.75
C HIS A 129 -8.28 -8.85 3.00
N ALA A 130 -9.26 -7.95 3.10
CA ALA A 130 -10.21 -8.01 4.20
C ALA A 130 -10.99 -9.33 4.19
N ASN A 131 -11.45 -9.75 3.02
CA ASN A 131 -12.04 -11.09 2.92
C ASN A 131 -11.07 -12.16 3.38
N HIS A 132 -9.84 -12.14 2.87
CA HIS A 132 -8.90 -13.22 3.18
C HIS A 132 -8.64 -13.29 4.67
N THR A 133 -8.52 -12.13 5.32
CA THR A 133 -8.35 -12.11 6.76
C THR A 133 -9.54 -12.74 7.46
N LEU A 134 -10.75 -12.23 7.17
CA LEU A 134 -11.93 -12.72 7.89
C LEU A 134 -12.13 -14.22 7.68
N SER A 135 -11.88 -14.69 6.45
CA SER A 135 -11.94 -16.11 6.16
C SER A 135 -10.90 -16.87 6.97
N THR A 136 -9.71 -16.29 7.14
CA THR A 136 -8.70 -16.95 7.95
C THR A 136 -9.18 -17.09 9.40
N ILE A 137 -9.76 -16.03 9.97
CA ILE A 137 -10.26 -16.13 11.34
C ILE A 137 -11.34 -17.20 11.46
N ASP A 138 -12.38 -17.15 10.60
CA ASP A 138 -13.49 -18.05 10.87
C ASP A 138 -13.13 -19.50 10.54
N HIS A 139 -12.33 -19.71 9.48
CA HIS A 139 -11.85 -21.07 9.19
C HIS A 139 -10.96 -21.59 10.31
N LEU A 140 -10.09 -20.75 10.86
CA LEU A 140 -9.20 -21.20 11.93
C LEU A 140 -9.99 -21.51 13.20
N VAL A 141 -11.03 -20.72 13.49
CA VAL A 141 -11.88 -21.03 14.64
C VAL A 141 -12.60 -22.35 14.43
N LEU A 142 -13.09 -22.60 13.21
CA LEU A 142 -13.72 -23.89 12.92
C LEU A 142 -12.74 -25.04 13.12
N GLU A 143 -11.52 -24.89 12.62
CA GLU A 143 -10.52 -25.94 12.79
C GLU A 143 -10.22 -26.16 14.27
N THR A 144 -10.10 -25.07 15.03
CA THR A 144 -9.79 -25.19 16.45
C THR A 144 -10.90 -25.90 17.21
N VAL A 145 -12.17 -25.56 16.92
CA VAL A 145 -13.25 -26.23 17.64
C VAL A 145 -13.36 -27.69 17.23
N GLU A 146 -13.09 -28.02 15.97
CA GLU A 146 -13.05 -29.42 15.57
C GLU A 146 -11.93 -30.17 16.29
N ARG A 147 -10.76 -29.55 16.42
CA ARG A 147 -9.67 -30.19 17.14
C ARG A 147 -10.02 -30.38 18.62
N LEU A 148 -10.72 -29.41 19.22
CA LEU A 148 -11.20 -29.59 20.59
C LEU A 148 -12.20 -30.73 20.68
N GLY A 149 -13.05 -30.88 19.67
CA GLY A 149 -13.97 -32.02 19.66
C GLY A 149 -13.25 -33.35 19.60
N GLU A 150 -12.21 -33.44 18.76
CA GLU A 150 -11.41 -34.66 18.72
C GLU A 150 -10.69 -34.88 20.05
N ALA A 151 -10.26 -33.80 20.71
CA ALA A 151 -9.68 -33.92 22.03
C ALA A 151 -10.70 -34.45 23.04
N VAL A 152 -11.96 -34.03 22.91
CA VAL A 152 -13.02 -34.56 23.76
C VAL A 152 -13.21 -36.05 23.52
N ARG A 153 -13.16 -36.47 22.25
CA ARG A 153 -13.27 -37.90 21.94
C ARG A 153 -12.11 -38.69 22.56
N THR A 154 -10.89 -38.15 22.46
CA THR A 154 -9.74 -38.85 23.04
C THR A 154 -9.82 -38.85 24.57
N GLU A 155 -10.38 -37.79 25.15
CA GLU A 155 -10.58 -37.77 26.60
C GLU A 155 -11.63 -38.80 27.02
N LEU A 156 -12.65 -39.01 26.18
CA LEU A 156 -13.59 -40.09 26.43
C LEU A 156 -12.89 -41.45 26.36
N THR A 157 -11.96 -41.59 25.42
CA THR A 157 -11.14 -42.80 25.37
C THR A 157 -10.36 -43.00 26.67
N THR A 158 -9.79 -41.92 27.19
CA THR A 158 -9.11 -41.99 28.48
C THR A 158 -10.07 -42.40 29.59
N LEU A 159 -11.28 -41.83 29.58
CA LEU A 159 -12.28 -42.19 30.59
C LEU A 159 -12.62 -43.68 30.53
N GLU A 160 -12.80 -44.22 29.32
CA GLU A 160 -13.19 -45.62 29.22
C GLU A 160 -12.03 -46.54 29.58
N GLU A 161 -10.79 -46.15 29.24
CA GLU A 161 -9.66 -46.99 29.63
C GLU A 161 -9.38 -46.90 31.13
N VAL A 162 -9.86 -45.85 31.80
CA VAL A 162 -9.74 -45.80 33.25
C VAL A 162 -10.77 -46.76 33.83
N LEU A 163 -10.35 -48.00 34.07
CA LEU A 163 -11.26 -49.01 34.60
C LEU A 163 -11.45 -48.87 36.10
N GLU A 164 -10.35 -48.71 36.83
CA GLU A 164 -10.43 -48.50 38.27
C GLU A 164 -10.51 -47.01 38.56
N PRO A 165 -11.62 -46.52 39.09
CA PRO A 165 -11.79 -45.06 39.34
C PRO A 165 -11.03 -44.57 40.57
N ARG A 166 -9.75 -44.29 40.37
CA ARG A 166 -8.94 -43.72 41.45
C ARG A 166 -9.52 -42.37 41.86
N THR A 167 -9.46 -42.08 43.16
CA THR A 167 -10.14 -40.91 43.70
C THR A 167 -9.63 -39.61 43.09
N GLU A 168 -8.41 -39.61 42.57
CA GLU A 168 -7.83 -38.40 41.99
C GLU A 168 -7.74 -38.44 40.47
N LEU A 169 -7.45 -39.60 39.89
CA LEU A 169 -7.27 -39.67 38.43
C LEU A 169 -8.57 -39.40 37.69
N VAL A 170 -9.68 -39.99 38.16
CA VAL A 170 -10.96 -39.77 37.48
C VAL A 170 -11.40 -38.32 37.65
N ALA A 171 -11.13 -37.73 38.81
CA ALA A 171 -11.47 -36.32 39.01
C ALA A 171 -10.65 -35.43 38.09
N ALA A 172 -9.36 -35.73 37.93
CA ALA A 172 -8.52 -34.95 37.02
C ALA A 172 -9.00 -35.09 35.59
N ALA A 173 -9.37 -36.31 35.18
CA ALA A 173 -9.86 -36.51 33.83
C ALA A 173 -11.17 -35.75 33.60
N ARG A 174 -12.07 -35.78 34.58
CA ARG A 174 -13.32 -35.04 34.46
C ARG A 174 -13.07 -33.54 34.38
N GLY A 175 -12.15 -33.04 35.20
CA GLY A 175 -11.81 -31.62 35.14
C GLY A 175 -11.21 -31.22 33.80
N ALA A 176 -10.34 -32.07 33.26
CA ALA A 176 -9.76 -31.79 31.95
C ALA A 176 -10.83 -31.78 30.87
N ARG A 177 -11.76 -32.73 30.91
CA ARG A 177 -12.84 -32.76 29.93
C ARG A 177 -13.71 -31.52 30.04
N ARG A 178 -14.06 -31.13 31.27
CA ARG A 178 -14.90 -29.95 31.46
C ARG A 178 -14.18 -28.70 30.99
N GLN A 179 -12.88 -28.59 31.26
CA GLN A 179 -12.12 -27.44 30.80
C GLN A 179 -12.06 -27.40 29.28
N ALA A 180 -11.92 -28.56 28.63
CA ALA A 180 -11.92 -28.61 27.18
C ALA A 180 -13.26 -28.15 26.61
N GLU A 181 -14.37 -28.61 27.21
CA GLU A 181 -15.67 -28.16 26.75
C GLU A 181 -15.85 -26.67 26.97
N ALA A 182 -15.40 -26.15 28.11
CA ALA A 182 -15.52 -24.71 28.37
C ALA A 182 -14.70 -23.90 27.37
N ALA A 183 -13.48 -24.37 27.06
CA ALA A 183 -12.65 -23.67 26.09
C ALA A 183 -13.30 -23.68 24.71
N ALA A 184 -13.87 -24.83 24.31
CA ALA A 184 -14.57 -24.91 23.03
C ALA A 184 -15.76 -23.96 22.98
N GLN A 185 -16.54 -23.92 24.06
CA GLN A 185 -17.69 -23.02 24.11
C GLN A 185 -17.27 -21.57 24.04
N GLN A 186 -16.20 -21.21 24.74
CA GLN A 186 -15.70 -19.82 24.68
C GLN A 186 -15.19 -19.48 23.29
N LEU A 187 -14.48 -20.41 22.64
CA LEU A 187 -13.91 -20.15 21.33
C LEU A 187 -14.95 -20.17 20.22
N GLN A 188 -16.11 -20.81 20.43
CA GLN A 188 -17.12 -20.88 19.40
C GLN A 188 -17.69 -19.52 19.02
N GLY A 189 -17.51 -18.51 19.87
CA GLY A 189 -18.08 -17.21 19.61
C GLY A 189 -17.14 -16.19 19.00
N LEU A 190 -15.87 -16.55 18.84
CA LEU A 190 -14.89 -15.61 18.31
C LEU A 190 -15.20 -15.23 16.87
N ALA A 191 -15.63 -16.19 16.06
CA ALA A 191 -15.89 -15.92 14.66
C ALA A 191 -17.07 -14.97 14.52
N PHE A 192 -16.78 -13.70 14.22
CA PHE A 192 -17.81 -12.69 14.09
C PHE A 192 -18.29 -12.49 12.66
N TRP A 193 -17.70 -13.19 11.69
CA TRP A 193 -18.10 -13.10 10.29
C TRP A 193 -18.79 -14.38 9.83
N GLN A 194 -19.33 -15.14 10.79
CA GLN A 194 -20.04 -16.39 10.53
C GLN A 194 -21.52 -16.14 10.76
N GLY A 195 -22.23 -15.78 9.70
CA GLY A 195 -23.64 -15.47 9.79
C GLY A 195 -24.01 -14.21 9.04
N VAL A 196 -23.03 -13.34 8.84
CA VAL A 196 -23.25 -12.10 8.10
C VAL A 196 -23.52 -12.43 6.64
N PRO A 197 -24.49 -11.78 5.99
CA PRO A 197 -24.74 -12.06 4.57
C PRO A 197 -23.73 -11.42 3.65
N LEU A 198 -23.25 -10.22 4.00
CA LEU A 198 -22.36 -9.48 3.12
C LEU A 198 -21.01 -10.17 2.99
N SER A 199 -20.48 -10.18 1.77
CA SER A 199 -19.18 -10.77 1.47
C SER A 199 -18.31 -9.73 0.78
N PRO A 200 -17.13 -9.40 1.33
CA PRO A 200 -16.28 -8.39 0.68
C PRO A 200 -15.83 -8.77 -0.72
N LEU A 201 -15.75 -10.06 -1.04
CA LEU A 201 -15.30 -10.47 -2.37
C LEU A 201 -16.26 -9.98 -3.45
N GLN A 202 -17.56 -10.06 -3.20
CA GLN A 202 -18.53 -9.60 -4.19
C GLN A 202 -18.39 -8.10 -4.42
N VAL A 203 -18.20 -7.33 -3.35
CA VAL A 203 -18.00 -5.89 -3.48
C VAL A 203 -16.74 -5.59 -4.27
N ALA A 204 -15.64 -6.29 -3.96
CA ALA A 204 -14.41 -6.08 -4.70
C ALA A 204 -14.56 -6.44 -6.17
N GLU A 205 -15.24 -7.55 -6.46
CA GLU A 205 -15.44 -7.99 -7.82
C GLU A 205 -16.26 -6.97 -8.61
N ASN A 206 -17.34 -6.46 -8.02
CA ASN A 206 -18.17 -5.51 -8.74
C ASN A 206 -17.49 -4.16 -8.92
N VAL A 207 -16.78 -3.67 -7.89
CA VAL A 207 -16.08 -2.40 -8.05
C VAL A 207 -14.97 -2.52 -9.07
N SER A 208 -14.28 -3.66 -9.11
CA SER A 208 -13.32 -3.91 -10.17
C SER A 208 -14.00 -3.87 -11.53
N PHE A 209 -14.96 -4.76 -11.75
CA PHE A 209 -15.78 -4.81 -12.97
C PHE A 209 -16.09 -3.41 -13.51
N VAL A 210 -16.67 -2.57 -12.65
CA VAL A 210 -16.95 -1.19 -13.03
C VAL A 210 -15.67 -0.45 -13.37
N GLU A 211 -14.59 -0.71 -12.63
CA GLU A 211 -13.35 0.03 -12.84
C GLU A 211 -12.74 -0.27 -14.20
N GLU A 212 -12.64 -1.54 -14.58
CA GLU A 212 -12.06 -1.80 -15.90
C GLU A 212 -13.00 -1.34 -17.02
N TYR A 213 -14.32 -1.39 -16.81
CA TYR A 213 -15.18 -0.84 -17.85
C TYR A 213 -14.96 0.66 -18.02
N ARG A 214 -14.87 1.39 -16.91
CA ARG A 214 -14.63 2.83 -16.99
C ARG A 214 -13.26 3.14 -17.59
N TRP A 215 -12.25 2.36 -17.22
CA TRP A 215 -10.91 2.55 -17.76
C TRP A 215 -10.89 2.31 -19.26
N LEU A 216 -11.58 1.26 -19.72
CA LEU A 216 -11.65 0.98 -21.15
C LEU A 216 -12.35 2.12 -21.89
N ALA A 217 -13.46 2.63 -21.33
CA ALA A 217 -14.17 3.72 -21.98
C ALA A 217 -13.28 4.96 -22.10
N TYR A 218 -12.61 5.32 -21.00
CA TYR A 218 -11.76 6.52 -21.05
C TYR A 218 -10.54 6.32 -21.94
N VAL A 219 -9.98 5.10 -21.98
CA VAL A 219 -8.87 4.83 -22.89
C VAL A 219 -9.33 4.98 -24.34
N LEU A 220 -10.52 4.48 -24.66
CA LEU A 220 -11.04 4.64 -26.01
C LEU A 220 -11.24 6.12 -26.35
N LEU A 221 -11.77 6.90 -25.40
CA LEU A 221 -11.93 8.33 -25.64
C LEU A 221 -10.59 9.01 -25.87
N LEU A 222 -9.58 8.66 -25.07
CA LEU A 222 -8.26 9.26 -25.20
C LEU A 222 -7.64 8.91 -26.56
N LEU A 223 -7.78 7.66 -26.99
CA LEU A 223 -7.27 7.27 -28.31
C LEU A 223 -8.03 7.98 -29.41
N LEU A 224 -9.34 8.18 -29.24
CA LEU A 224 -10.11 8.94 -30.22
C LEU A 224 -9.60 10.36 -30.35
N GLU A 225 -9.32 11.02 -29.22
CA GLU A 225 -8.79 12.37 -29.27
C GLU A 225 -7.39 12.40 -29.89
N LEU A 226 -6.56 11.39 -29.59
CA LEU A 226 -5.26 11.30 -30.23
C LEU A 226 -5.38 11.16 -31.74
N LEU A 227 -6.33 10.35 -32.20
CA LEU A 227 -6.57 10.21 -33.63
C LEU A 227 -7.04 11.53 -34.23
N VAL A 228 -7.88 12.27 -33.51
CA VAL A 228 -8.33 13.57 -33.98
C VAL A 228 -7.16 14.52 -34.15
N CYS A 229 -6.27 14.56 -33.15
CA CYS A 229 -5.10 15.44 -33.23
C CYS A 229 -4.18 15.04 -34.38
N LEU A 230 -3.96 13.73 -34.55
CA LEU A 230 -3.10 13.27 -35.64
C LEU A 230 -3.70 13.61 -36.99
N PHE A 231 -5.04 13.50 -37.11
CA PHE A 231 -5.70 13.89 -38.34
C PHE A 231 -5.57 15.38 -38.59
N THR A 232 -5.64 16.20 -37.53
CA THR A 232 -5.40 17.63 -37.69
C THR A 232 -4.01 17.89 -38.24
N LEU A 233 -3.00 17.24 -37.65
CA LEU A 233 -1.63 17.42 -38.12
C LEU A 233 -1.47 16.97 -39.57
N LEU A 234 -2.09 15.84 -39.92
CA LEU A 234 -2.00 15.36 -41.29
C LEU A 234 -2.67 16.31 -42.27
N GLY A 235 -3.82 16.85 -41.86
CA GLY A 235 -4.56 17.81 -42.70
C GLY A 235 -3.75 19.07 -42.95
N LEU A 236 -3.14 19.63 -41.90
CA LEU A 236 -2.30 20.81 -42.06
C LEU A 236 -1.05 20.50 -42.88
N ALA A 237 -0.44 19.34 -42.67
CA ALA A 237 0.79 19.01 -43.38
C ALA A 237 0.52 18.72 -44.85
N LYS A 238 -0.50 17.90 -45.14
CA LYS A 238 -0.81 17.54 -46.52
C LYS A 238 -1.65 18.58 -47.23
N GLN A 239 -2.13 19.59 -46.49
CA GLN A 239 -3.00 20.66 -47.06
C GLN A 239 -4.21 19.99 -47.73
N SER A 240 -4.78 18.96 -47.08
CA SER A 240 -5.94 18.21 -47.63
C SER A 240 -7.25 18.80 -47.09
N LYS A 241 -7.87 19.70 -47.84
CA LYS A 241 -9.12 20.37 -47.41
C LYS A 241 -10.21 19.33 -47.13
N TRP A 242 -10.35 18.32 -48.00
CA TRP A 242 -11.42 17.34 -47.88
C TRP A 242 -11.38 16.64 -46.52
N LEU A 243 -10.19 16.28 -46.05
CA LEU A 243 -10.08 15.60 -44.76
C LEU A 243 -10.52 16.51 -43.62
N VAL A 244 -10.11 17.77 -43.65
CA VAL A 244 -10.31 18.67 -42.52
C VAL A 244 -11.79 18.88 -42.25
N ILE A 245 -12.57 19.14 -43.31
CA ILE A 245 -14.01 19.34 -43.12
C ILE A 245 -14.67 18.05 -42.66
N VAL A 246 -14.19 16.90 -43.14
CA VAL A 246 -14.77 15.63 -42.71
C VAL A 246 -14.56 15.43 -41.21
N MET A 247 -13.37 15.74 -40.70
CA MET A 247 -13.09 15.50 -39.29
C MET A 247 -13.44 16.69 -38.40
N THR A 248 -13.89 17.80 -38.97
CA THR A 248 -14.31 18.92 -38.13
C THR A 248 -15.52 18.55 -37.27
N VAL A 249 -16.51 17.86 -37.86
CA VAL A 249 -17.64 17.40 -37.08
C VAL A 249 -17.20 16.37 -36.05
N MET A 250 -16.20 15.55 -36.39
CA MET A 250 -15.63 14.62 -35.41
C MET A 250 -15.03 15.36 -34.23
N SER A 251 -14.31 16.45 -34.50
CA SER A 251 -13.75 17.27 -33.42
C SER A 251 -14.86 17.89 -32.58
N LEU A 252 -15.93 18.35 -33.23
CA LEU A 252 -17.07 18.89 -32.49
C LEU A 252 -17.68 17.82 -31.57
N LEU A 253 -17.85 16.61 -32.09
CA LEU A 253 -18.44 15.54 -31.28
C LEU A 253 -17.54 15.18 -30.11
N VAL A 254 -16.22 15.10 -30.33
CA VAL A 254 -15.34 14.77 -29.22
C VAL A 254 -15.29 15.92 -28.22
N LEU A 255 -15.46 17.16 -28.68
CA LEU A 255 -15.58 18.29 -27.76
C LEU A 255 -16.80 18.15 -26.88
N VAL A 256 -17.94 17.82 -27.47
CA VAL A 256 -19.18 17.66 -26.70
C VAL A 256 -19.01 16.51 -25.70
N LEU A 257 -18.46 15.39 -26.15
CA LEU A 257 -18.29 14.24 -25.27
C LEU A 257 -17.29 14.54 -24.15
N SER A 258 -16.26 15.33 -24.44
CA SER A 258 -15.30 15.73 -23.41
C SER A 258 -15.95 16.63 -22.38
N TRP A 259 -16.82 17.54 -22.82
CA TRP A 259 -17.56 18.37 -21.86
C TRP A 259 -18.45 17.50 -20.96
N GLY A 260 -19.15 16.54 -21.57
CA GLY A 260 -19.98 15.65 -20.77
C GLY A 260 -19.16 14.81 -19.80
N SER A 261 -18.01 14.33 -20.25
CA SER A 261 -17.11 13.60 -19.38
C SER A 261 -16.63 14.48 -18.24
N MET A 262 -16.34 15.76 -18.53
CA MET A 262 -15.97 16.69 -17.48
C MET A 262 -17.07 16.82 -16.45
N GLY A 263 -18.32 16.93 -16.90
CA GLY A 263 -19.42 17.00 -15.95
C GLY A 263 -19.51 15.77 -15.08
N LEU A 264 -19.45 14.59 -15.70
CA LEU A 264 -19.56 13.35 -14.94
C LEU A 264 -18.42 13.20 -13.93
N GLU A 265 -17.18 13.45 -14.38
CA GLU A 265 -16.03 13.27 -13.51
C GLU A 265 -15.96 14.34 -12.44
N ALA A 266 -16.43 15.56 -12.74
CA ALA A 266 -16.51 16.59 -11.72
C ALA A 266 -17.51 16.23 -10.64
N ALA A 267 -18.68 15.69 -11.04
CA ALA A 267 -19.64 15.22 -10.05
C ALA A 267 -19.05 14.11 -9.21
N THR A 268 -18.35 13.16 -9.85
CA THR A 268 -17.73 12.07 -9.10
C THR A 268 -16.68 12.59 -8.13
N ALA A 269 -15.86 13.55 -8.56
CA ALA A 269 -14.84 14.12 -7.69
C ALA A 269 -15.46 14.86 -6.52
N VAL A 270 -16.53 15.62 -6.76
CA VAL A 270 -17.21 16.32 -5.67
C VAL A 270 -17.75 15.33 -4.66
N GLY A 271 -18.41 14.27 -5.14
CA GLY A 271 -18.93 13.26 -4.23
C GLY A 271 -17.84 12.58 -3.44
N LEU A 272 -16.76 12.18 -4.10
CA LEU A 272 -15.67 11.49 -3.43
C LEU A 272 -15.00 12.39 -2.40
N SER A 273 -14.79 13.66 -2.73
CA SER A 273 -14.20 14.59 -1.78
C SER A 273 -15.11 14.81 -0.58
N ASP A 274 -16.42 14.93 -0.82
CA ASP A 274 -17.35 15.11 0.30
C ASP A 274 -17.38 13.85 1.17
N PHE A 275 -17.15 12.69 0.57
CA PHE A 275 -17.11 11.45 1.35
C PHE A 275 -15.83 11.35 2.18
N CYS A 276 -14.68 11.68 1.57
CA CYS A 276 -13.40 11.43 2.22
C CYS A 276 -13.21 12.27 3.48
N SER A 277 -13.85 13.42 3.54
CA SER A 277 -13.75 14.29 4.71
C SER A 277 -14.52 13.65 5.86
N ASN A 278 -13.79 13.10 6.84
CA ASN A 278 -14.36 12.45 8.01
C ASN A 278 -15.29 11.32 7.58
N PRO A 279 -14.75 10.22 7.04
CA PRO A 279 -15.62 9.17 6.51
C PRO A 279 -15.91 8.04 7.49
N ASP A 280 -15.26 8.07 8.65
CA ASP A 280 -15.36 6.99 9.62
C ASP A 280 -16.78 6.78 10.12
N PRO A 281 -17.50 7.82 10.58
CA PRO A 281 -18.88 7.59 11.04
C PRO A 281 -19.81 7.10 9.94
N TYR A 282 -19.68 7.63 8.73
CA TYR A 282 -20.53 7.20 7.63
C TYR A 282 -20.27 5.74 7.28
N VAL A 283 -19.00 5.35 7.22
CA VAL A 283 -18.66 3.95 6.93
C VAL A 283 -19.17 3.04 8.04
N LEU A 284 -19.03 3.48 9.29
CA LEU A 284 -19.52 2.69 10.42
C LEU A 284 -21.03 2.50 10.33
N ASN A 285 -21.76 3.56 10.01
CA ASN A 285 -23.22 3.46 9.90
C ASN A 285 -23.63 2.57 8.74
N LEU A 286 -22.94 2.69 7.61
CA LEU A 286 -23.26 1.84 6.46
C LEU A 286 -23.01 0.38 6.78
N THR A 287 -21.90 0.08 7.45
CA THR A 287 -21.61 -1.31 7.81
C THR A 287 -22.57 -1.81 8.88
N GLN A 288 -23.03 -0.93 9.78
CA GLN A 288 -24.06 -1.32 10.73
C GLN A 288 -25.36 -1.67 10.03
N GLU A 289 -25.75 -0.88 9.03
CA GLU A 289 -26.99 -1.15 8.34
C GLU A 289 -26.90 -2.41 7.49
N GLU A 290 -25.74 -2.67 6.89
CA GLU A 290 -25.60 -3.84 6.03
C GLU A 290 -25.32 -5.11 6.83
N THR A 291 -24.17 -5.16 7.51
CA THR A 291 -23.78 -6.37 8.24
C THR A 291 -24.58 -6.52 9.53
N GLY A 292 -24.74 -5.45 10.29
CA GLY A 292 -25.44 -5.51 11.56
C GLY A 292 -24.75 -6.37 12.60
N LEU A 293 -23.44 -6.19 12.76
CA LEU A 293 -22.69 -7.01 13.72
C LEU A 293 -22.82 -6.46 15.14
N SER A 294 -22.28 -5.27 15.38
CA SER A 294 -22.29 -4.66 16.71
C SER A 294 -21.64 -3.28 16.63
N SER A 295 -21.87 -2.48 17.65
CA SER A 295 -21.27 -1.15 17.70
C SER A 295 -19.79 -1.21 18.07
N ASP A 296 -19.45 -2.06 19.04
CA ASP A 296 -18.08 -2.09 19.55
C ASP A 296 -17.11 -2.67 18.51
N ILE A 297 -17.54 -3.70 17.78
CA ILE A 297 -16.64 -4.39 16.85
C ILE A 297 -16.25 -3.45 15.72
N LEU A 298 -17.25 -2.87 15.05
CA LEU A 298 -16.98 -2.03 13.89
C LEU A 298 -16.19 -0.78 14.28
N SER A 299 -16.56 -0.19 15.42
CA SER A 299 -15.80 0.96 15.92
C SER A 299 -14.35 0.58 16.20
N TYR A 300 -14.14 -0.62 16.77
CA TYR A 300 -12.78 -1.07 17.05
C TYR A 300 -11.97 -1.20 15.76
N TYR A 301 -12.49 -1.94 14.79
CA TYR A 301 -11.72 -2.20 13.58
C TYR A 301 -11.68 -1.02 12.62
N LEU A 302 -12.46 0.04 12.88
CA LEU A 302 -12.38 1.24 12.07
C LEU A 302 -11.69 2.40 12.76
N LEU A 303 -11.39 2.30 14.05
CA LEU A 303 -10.66 3.33 14.77
C LEU A 303 -9.26 2.87 15.17
N CYS A 304 -9.15 1.76 15.89
CA CYS A 304 -7.86 1.17 16.25
C CYS A 304 -7.00 2.12 17.10
N ASN A 305 -7.64 3.00 17.86
CA ASN A 305 -6.92 3.88 18.75
C ASN A 305 -6.98 3.35 20.19
N ARG A 306 -6.37 4.11 21.11
CA ARG A 306 -6.27 3.64 22.49
C ARG A 306 -7.62 3.66 23.19
N ALA A 307 -8.49 4.61 22.83
CA ALA A 307 -9.78 4.75 23.52
C ALA A 307 -10.64 3.51 23.35
N VAL A 308 -10.68 2.97 22.13
CA VAL A 308 -11.46 1.76 21.89
C VAL A 308 -10.70 0.56 22.42
N SER A 309 -11.43 -0.37 23.03
CA SER A 309 -10.84 -1.54 23.68
C SER A 309 -11.30 -2.83 23.00
N ASN A 310 -10.61 -3.91 23.33
CA ASN A 310 -10.93 -5.23 22.79
C ASN A 310 -12.30 -5.69 23.27
N PRO A 311 -13.24 -6.00 22.36
CA PRO A 311 -14.48 -6.64 22.81
C PRO A 311 -14.33 -8.12 23.04
N PHE A 312 -13.36 -8.77 22.41
CA PHE A 312 -13.09 -10.19 22.60
C PHE A 312 -12.16 -10.47 23.77
N GLN A 313 -11.59 -9.42 24.36
CA GLN A 313 -10.53 -9.57 25.37
C GLN A 313 -10.92 -10.60 26.42
N GLN A 314 -11.98 -10.31 27.19
CA GLN A 314 -12.43 -11.23 28.22
C GLN A 314 -12.62 -12.64 27.65
N ARG A 315 -13.30 -12.73 26.51
CA ARG A 315 -13.43 -14.03 25.83
C ARG A 315 -12.08 -14.69 25.69
N LEU A 316 -11.14 -14.03 25.00
CA LEU A 316 -9.80 -14.59 24.87
C LEU A 316 -9.17 -14.80 26.24
N THR A 317 -9.34 -13.84 27.15
CA THR A 317 -8.75 -13.95 28.48
C THR A 317 -9.23 -15.20 29.19
N LEU A 318 -10.44 -15.68 28.84
CA LEU A 318 -10.90 -16.93 29.41
C LEU A 318 -10.26 -18.12 28.69
N SER A 319 -10.29 -18.10 27.36
CA SER A 319 -9.85 -19.27 26.60
C SER A 319 -8.39 -19.58 26.86
N GLN A 320 -7.52 -18.58 26.77
CA GLN A 320 -6.10 -18.79 27.02
C GLN A 320 -5.86 -19.30 28.43
N ARG A 321 -6.79 -19.05 29.36
CA ARG A 321 -6.70 -19.69 30.66
C ARG A 321 -7.01 -21.17 30.55
N ALA A 322 -8.20 -21.50 30.04
CA ALA A 322 -8.67 -22.88 30.07
C ALA A 322 -7.68 -23.82 29.41
N LEU A 323 -7.27 -23.51 28.19
CA LEU A 323 -6.25 -24.33 27.51
C LEU A 323 -5.02 -24.47 28.39
N ALA A 324 -4.47 -23.35 28.84
CA ALA A 324 -3.33 -23.43 29.75
C ALA A 324 -3.69 -24.20 31.00
N ASN A 325 -4.88 -23.91 31.55
CA ASN A 325 -5.34 -24.65 32.72
C ASN A 325 -5.30 -26.15 32.45
N ILE A 326 -5.77 -26.56 31.26
CA ILE A 326 -5.79 -27.99 30.94
C ILE A 326 -4.40 -28.57 31.10
N HIS A 327 -3.40 -27.88 30.54
CA HIS A 327 -2.03 -28.39 30.55
C HIS A 327 -1.62 -28.78 31.96
N SER A 328 -2.02 -27.97 32.96
CA SER A 328 -1.70 -28.28 34.34
C SER A 328 -2.07 -29.71 34.69
N GLN A 329 -3.37 -30.03 34.64
CA GLN A 329 -3.73 -31.38 35.05
C GLN A 329 -3.28 -32.42 34.03
N LEU A 330 -2.97 -32.00 32.81
CA LEU A 330 -2.36 -32.94 31.87
C LEU A 330 -1.06 -33.48 32.46
N LEU A 331 -0.23 -32.58 33.01
CA LEU A 331 0.98 -33.03 33.67
C LEU A 331 0.68 -33.98 34.81
N GLY A 332 -0.46 -33.80 35.48
CA GLY A 332 -0.87 -34.77 36.48
C GLY A 332 -0.98 -36.16 35.90
N LEU A 333 -1.72 -36.29 34.79
CA LEU A 333 -1.79 -37.58 34.12
C LEU A 333 -0.44 -38.00 33.55
N GLU A 334 0.45 -37.04 33.32
CA GLU A 334 1.80 -37.37 32.91
C GLU A 334 2.66 -37.83 34.08
N ARG A 335 2.38 -37.35 35.29
CA ARG A 335 3.26 -37.61 36.42
C ARG A 335 2.80 -38.77 37.29
N GLU A 336 1.50 -39.08 37.32
CA GLU A 336 0.99 -40.18 38.14
C GLU A 336 0.34 -41.28 37.33
N ALA A 337 -0.42 -40.93 36.29
CA ALA A 337 -1.14 -41.94 35.53
C ALA A 337 -0.23 -42.73 34.59
N VAL A 338 0.88 -42.14 34.16
CA VAL A 338 1.76 -42.81 33.19
C VAL A 338 2.30 -44.14 33.73
N PRO A 339 2.88 -44.21 34.93
CA PRO A 339 3.34 -45.54 35.39
C PRO A 339 2.19 -46.47 35.73
N GLN A 340 1.08 -45.94 36.23
CA GLN A 340 -0.04 -46.79 36.60
C GLN A 340 -0.80 -47.28 35.37
N PHE A 341 -0.97 -46.41 34.38
CA PHE A 341 -1.82 -46.66 33.21
C PHE A 341 -0.99 -46.49 31.94
N PRO A 342 -0.17 -47.50 31.59
CA PRO A 342 0.56 -47.42 30.32
C PRO A 342 -0.36 -47.34 29.11
N SER A 343 -1.57 -47.92 29.21
CA SER A 343 -2.55 -47.75 28.15
C SER A 343 -2.95 -46.29 28.02
N ALA A 344 -3.14 -45.60 29.14
CA ALA A 344 -3.43 -44.16 29.10
C ALA A 344 -2.23 -43.36 28.64
N GLN A 345 -1.02 -43.90 28.76
CA GLN A 345 0.15 -43.19 28.24
C GLN A 345 0.06 -43.00 26.73
N LYS A 346 -0.59 -43.93 26.03
CA LYS A 346 -0.68 -43.84 24.57
C LYS A 346 -1.45 -42.62 24.07
N PRO A 347 -2.67 -42.32 24.53
CA PRO A 347 -3.37 -41.14 24.00
C PRO A 347 -3.00 -39.84 24.70
N LEU A 348 -2.20 -39.89 25.77
CA LEU A 348 -1.79 -38.66 26.42
C LEU A 348 -0.90 -37.82 25.51
N LEU A 349 -0.04 -38.48 24.73
CA LEU A 349 0.76 -37.76 23.74
C LEU A 349 -0.12 -37.12 22.68
N SER A 350 -1.18 -37.83 22.27
CA SER A 350 -2.12 -37.25 21.31
C SER A 350 -2.80 -36.02 21.90
N LEU A 351 -3.22 -36.10 23.16
CA LEU A 351 -3.83 -34.95 23.82
C LEU A 351 -2.86 -33.79 23.90
N GLU A 352 -1.60 -34.06 24.24
CA GLU A 352 -0.61 -32.99 24.33
C GLU A 352 -0.35 -32.36 22.96
N GLU A 353 -0.31 -33.18 21.90
CA GLU A 353 -0.12 -32.66 20.56
C GLU A 353 -1.30 -31.79 20.14
N THR A 354 -2.52 -32.23 20.48
CA THR A 354 -3.69 -31.39 20.21
C THR A 354 -3.61 -30.08 20.98
N LEU A 355 -3.17 -30.13 22.23
CA LEU A 355 -3.02 -28.90 23.01
C LEU A 355 -2.00 -27.96 22.38
N ASN A 356 -0.88 -28.51 21.90
CA ASN A 356 0.13 -27.68 21.26
C ASN A 356 -0.40 -27.05 19.97
N VAL A 357 -1.09 -27.85 19.15
CA VAL A 357 -1.63 -27.33 17.89
C VAL A 357 -2.68 -26.25 18.16
N THR A 358 -3.55 -26.48 19.15
CA THR A 358 -4.56 -25.48 19.48
C THR A 358 -3.95 -24.23 20.10
N GLU A 359 -2.86 -24.36 20.85
CA GLU A 359 -2.18 -23.17 21.35
C GLU A 359 -1.58 -22.35 20.21
N GLY A 360 -0.95 -23.02 19.24
CA GLY A 360 -0.46 -22.31 18.08
C GLY A 360 -1.57 -21.64 17.30
N ASN A 361 -2.68 -22.35 17.09
CA ASN A 361 -3.82 -21.78 16.38
C ASN A 361 -4.43 -20.62 17.17
N PHE A 362 -4.44 -20.71 18.49
CA PHE A 362 -4.98 -19.63 19.32
C PHE A 362 -4.09 -18.40 19.23
N HIS A 363 -2.77 -18.58 19.22
CA HIS A 363 -1.88 -17.44 19.04
C HIS A 363 -2.08 -16.81 17.67
N GLN A 364 -2.26 -17.62 16.64
CA GLN A 364 -2.56 -17.09 15.31
C GLN A 364 -3.87 -16.32 15.34
N LEU A 365 -4.89 -16.85 16.02
CA LEU A 365 -6.18 -16.18 16.10
C LEU A 365 -6.07 -14.84 16.82
N VAL A 366 -5.33 -14.82 17.93
CA VAL A 366 -5.15 -13.57 18.68
C VAL A 366 -4.43 -12.54 17.83
N ALA A 367 -3.40 -12.97 17.10
CA ALA A 367 -2.75 -12.07 16.15
C ALA A 367 -3.67 -11.64 15.03
N LEU A 368 -4.70 -12.43 14.74
CA LEU A 368 -5.63 -12.14 13.66
C LEU A 368 -6.83 -11.32 14.09
N LEU A 369 -7.02 -11.10 15.39
CA LEU A 369 -8.16 -10.34 15.89
C LEU A 369 -7.77 -8.94 16.37
N HIS A 370 -6.51 -8.57 16.23
CA HIS A 370 -6.08 -7.22 16.54
C HIS A 370 -6.54 -6.25 15.45
N CYS A 371 -6.83 -5.02 15.85
CA CYS A 371 -7.28 -4.02 14.89
C CYS A 371 -6.19 -3.65 13.90
N ARG A 372 -4.92 -3.94 14.21
CA ARG A 372 -3.82 -3.46 13.37
C ARG A 372 -3.95 -3.93 11.93
N SER A 373 -4.23 -5.21 11.73
CA SER A 373 -4.32 -5.74 10.37
C SER A 373 -5.53 -5.16 9.64
N LEU A 374 -6.71 -5.24 10.24
CA LEU A 374 -7.92 -4.81 9.54
C LEU A 374 -7.97 -3.29 9.42
N HIS A 375 -7.55 -2.56 10.45
CA HIS A 375 -7.50 -1.11 10.34
C HIS A 375 -6.42 -0.67 9.35
N LYS A 376 -5.32 -1.42 9.24
CA LYS A 376 -4.34 -1.12 8.21
C LYS A 376 -4.92 -1.33 6.82
N ASP A 377 -5.69 -2.40 6.63
CA ASP A 377 -6.35 -2.62 5.36
C ASP A 377 -7.34 -1.51 5.05
N TYR A 378 -8.11 -1.07 6.06
CA TYR A 378 -9.04 0.02 5.87
C TYR A 378 -8.32 1.33 5.56
N GLY A 379 -7.20 1.59 6.23
CA GLY A 379 -6.43 2.77 5.94
C GLY A 379 -5.87 2.77 4.53
N ALA A 380 -5.40 1.61 4.07
CA ALA A 380 -4.94 1.50 2.68
C ALA A 380 -6.10 1.71 1.71
N ALA A 381 -7.28 1.17 2.04
CA ALA A 381 -8.44 1.36 1.20
C ALA A 381 -8.81 2.84 1.07
N LEU A 382 -8.84 3.55 2.20
CA LEU A 382 -9.13 4.98 2.17
C LEU A 382 -8.02 5.75 1.47
N ARG A 383 -6.76 5.34 1.63
CA ARG A 383 -5.67 5.99 0.92
C ARG A 383 -5.86 5.88 -0.58
N GLY A 384 -6.13 4.66 -1.07
CA GLY A 384 -6.39 4.48 -2.49
C GLY A 384 -7.63 5.20 -2.97
N LEU A 385 -8.67 5.27 -2.12
CA LEU A 385 -9.93 5.87 -2.53
C LEU A 385 -9.90 7.40 -2.46
N CYS A 386 -8.99 8.00 -1.70
CA CYS A 386 -8.91 9.45 -1.62
C CYS A 386 -7.62 10.00 -2.21
N GLU A 387 -6.46 9.65 -1.65
CA GLU A 387 -5.22 10.30 -2.04
C GLU A 387 -4.77 9.91 -3.45
N ASP A 388 -5.35 8.86 -4.03
CA ASP A 388 -5.11 8.47 -5.41
C ASP A 388 -6.28 8.78 -6.31
N ALA A 389 -7.50 8.42 -5.88
CA ALA A 389 -8.67 8.63 -6.71
C ALA A 389 -8.98 10.11 -6.91
N LEU A 390 -8.86 10.92 -5.86
CA LEU A 390 -9.08 12.35 -6.01
C LEU A 390 -8.08 12.96 -6.97
N GLU A 391 -6.80 12.57 -6.85
CA GLU A 391 -5.79 13.07 -7.77
C GLU A 391 -6.10 12.66 -9.20
N GLY A 392 -6.54 11.42 -9.40
CA GLY A 392 -6.94 10.99 -10.73
C GLY A 392 -8.10 11.80 -11.28
N LEU A 393 -9.10 12.07 -10.44
CA LEU A 393 -10.26 12.84 -10.89
C LEU A 393 -9.87 14.27 -11.24
N LEU A 394 -9.00 14.89 -10.43
CA LEU A 394 -8.54 16.23 -10.79
C LEU A 394 -7.70 16.23 -12.06
N PHE A 395 -6.90 15.19 -12.29
CA PHE A 395 -6.16 15.13 -13.54
C PHE A 395 -7.10 14.94 -14.73
N LEU A 396 -8.21 14.21 -14.54
CA LEU A 396 -9.25 14.18 -15.56
C LEU A 396 -9.88 15.57 -15.77
N LEU A 397 -10.08 16.32 -14.68
CA LEU A 397 -10.57 17.69 -14.81
C LEU A 397 -9.63 18.54 -15.67
N LEU A 398 -8.32 18.44 -15.40
CA LEU A 398 -7.33 19.14 -16.22
C LEU A 398 -7.38 18.67 -17.67
N PHE A 399 -7.42 17.36 -17.89
CA PHE A 399 -7.61 16.84 -19.24
C PHE A 399 -8.79 17.49 -19.93
N SER A 400 -9.93 17.53 -19.25
CA SER A 400 -11.15 18.07 -19.86
C SER A 400 -10.98 19.55 -20.17
N LEU A 401 -10.40 20.33 -19.26
CA LEU A 401 -10.25 21.75 -19.47
C LEU A 401 -9.32 22.04 -20.65
N LEU A 402 -8.13 21.42 -20.64
CA LEU A 402 -7.20 21.64 -21.75
C LEU A 402 -7.75 21.11 -23.06
N SER A 403 -8.46 19.99 -23.04
CA SER A 403 -9.06 19.46 -24.27
C SER A 403 -10.12 20.41 -24.80
N ALA A 404 -10.96 20.96 -23.93
CA ALA A 404 -11.97 21.91 -24.37
C ALA A 404 -11.33 23.14 -24.96
N GLY A 405 -10.27 23.67 -24.32
CA GLY A 405 -9.60 24.84 -24.87
C GLY A 405 -8.95 24.56 -26.22
N ALA A 406 -8.24 23.44 -26.32
CA ALA A 406 -7.55 23.11 -27.55
C ALA A 406 -8.55 22.87 -28.70
N LEU A 407 -9.65 22.19 -28.40
CA LEU A 407 -10.65 21.95 -29.44
C LEU A 407 -11.40 23.21 -29.82
N ALA A 408 -11.65 24.11 -28.86
CA ALA A 408 -12.23 25.40 -29.20
C ALA A 408 -11.32 26.18 -30.14
N THR A 409 -10.02 26.18 -29.84
CA THR A 409 -9.07 26.85 -30.74
C THR A 409 -9.03 26.15 -32.09
N ALA A 410 -9.15 24.83 -32.11
CA ALA A 410 -9.12 24.09 -33.37
C ALA A 410 -10.33 24.44 -34.24
N LEU A 411 -11.53 24.46 -33.65
CA LEU A 411 -12.70 24.87 -34.41
C LEU A 411 -12.74 26.36 -34.70
N CYS A 412 -11.92 27.17 -34.01
CA CYS A 412 -11.81 28.57 -34.38
C CYS A 412 -10.80 28.80 -35.49
N SER A 413 -9.82 27.90 -35.65
CA SER A 413 -8.74 28.09 -36.60
C SER A 413 -8.94 27.31 -37.90
N LEU A 414 -9.31 26.03 -37.81
CA LEU A 414 -9.42 25.20 -39.01
C LEU A 414 -10.41 25.74 -40.03
N PRO A 415 -11.62 26.18 -39.68
CA PRO A 415 -12.49 26.77 -40.71
C PRO A 415 -11.90 28.00 -41.36
N ARG A 416 -11.05 28.76 -40.66
CA ARG A 416 -10.40 29.91 -41.26
C ARG A 416 -9.49 29.49 -42.41
N ALA A 417 -8.70 28.43 -42.18
CA ALA A 417 -7.70 28.02 -43.19
C ALA A 417 -8.16 26.82 -44.02
N TRP A 418 -9.43 26.42 -43.92
CA TRP A 418 -9.92 25.31 -44.79
C TRP A 418 -9.85 25.78 -46.25
N ALA A 419 -10.52 26.89 -46.56
CA ALA A 419 -10.52 27.43 -47.94
C ALA A 419 -9.19 28.14 -48.21
N LEU A 420 -8.48 28.57 -47.15
CA LEU A 420 -7.19 29.29 -47.32
C LEU A 420 -6.05 28.30 -47.56
N PHE A 421 -6.32 26.99 -47.59
CA PHE A 421 -5.27 26.00 -47.92
C PHE A 421 -4.68 26.33 -49.29
N PRO A 422 -3.34 26.42 -49.44
CA PRO A 422 -2.70 26.81 -50.72
C PRO A 422 -3.29 26.19 -52.00
N PRO A 423 -3.46 24.86 -52.19
CA PRO A 423 -3.97 24.32 -53.46
C PRO A 423 -5.44 24.72 -53.68
N PRO B 6 -1.32 -14.31 -0.25
CA PRO B 6 -1.14 -13.99 -1.67
C PRO B 6 0.33 -14.02 -2.09
N GLY B 7 1.16 -13.22 -1.42
CA GLY B 7 2.57 -13.17 -1.73
C GLY B 7 2.89 -12.14 -2.80
N TYR B 8 4.17 -12.09 -3.16
CA TYR B 8 4.67 -11.18 -4.17
C TYR B 8 5.06 -11.97 -5.41
N ARG B 9 4.59 -11.52 -6.57
CA ARG B 9 4.88 -12.16 -7.84
C ARG B 9 5.72 -11.22 -8.69
N PRO B 10 6.94 -11.62 -9.08
CA PRO B 10 7.75 -10.75 -9.95
C PRO B 10 7.04 -10.46 -11.26
N SER B 11 7.19 -9.23 -11.74
CA SER B 11 6.51 -8.81 -12.95
C SER B 11 7.22 -9.35 -14.19
N ALA B 12 6.56 -9.17 -15.34
CA ALA B 12 7.14 -9.65 -16.60
C ALA B 12 8.43 -8.92 -16.93
N TRP B 13 8.48 -7.60 -16.69
CA TRP B 13 9.68 -6.84 -16.99
C TRP B 13 10.87 -7.29 -16.14
N VAL B 14 10.60 -7.75 -14.91
CA VAL B 14 11.68 -8.25 -14.05
C VAL B 14 12.38 -9.42 -14.71
N HIS B 15 11.61 -10.38 -15.20
CA HIS B 15 12.21 -11.54 -15.86
C HIS B 15 12.78 -11.18 -17.23
N LEU B 16 12.18 -10.20 -17.91
CA LEU B 16 12.71 -9.77 -19.20
C LEU B 16 14.10 -9.18 -19.06
N LEU B 17 14.29 -8.30 -18.07
CA LEU B 17 15.61 -7.71 -17.84
C LEU B 17 16.57 -8.67 -17.15
N HIS B 18 16.05 -9.61 -16.36
CA HIS B 18 16.91 -10.55 -15.64
C HIS B 18 17.67 -11.46 -16.61
N GLN B 19 16.99 -11.95 -17.65
CA GLN B 19 17.60 -12.88 -18.58
C GLN B 19 18.64 -12.22 -19.49
N LEU B 20 18.74 -10.89 -19.47
CA LEU B 20 19.71 -10.21 -20.30
C LEU B 20 21.13 -10.65 -19.95
N PRO B 21 21.97 -10.94 -20.93
CA PRO B 21 23.34 -11.39 -20.63
C PRO B 21 24.24 -10.21 -20.29
N ARG B 22 25.04 -10.39 -19.24
CA ARG B 22 25.99 -9.37 -18.80
C ARG B 22 27.41 -9.90 -18.96
N ALA B 23 28.35 -8.99 -19.15
CA ALA B 23 29.74 -9.37 -19.39
C ALA B 23 30.67 -8.29 -18.87
N ASP B 24 31.93 -8.67 -18.67
CA ASP B 24 32.98 -7.76 -18.25
C ASP B 24 34.22 -7.99 -19.10
N PHE B 25 34.98 -6.92 -19.33
CA PHE B 25 36.21 -7.03 -20.10
C PHE B 25 37.26 -7.82 -19.34
N GLN B 26 37.29 -7.68 -18.02
CA GLN B 26 38.18 -8.51 -17.21
C GLN B 26 37.78 -9.99 -17.28
N LEU B 27 36.48 -10.26 -17.15
CA LEU B 27 35.97 -11.62 -17.16
C LEU B 27 34.51 -11.57 -17.59
N ARG B 28 34.24 -11.96 -18.84
CA ARG B 28 32.90 -11.93 -19.42
C ARG B 28 31.89 -12.75 -18.61
N PRO B 29 32.20 -14.00 -18.19
CA PRO B 29 31.21 -14.76 -17.41
C PRO B 29 30.90 -14.11 -16.08
N VAL B 30 29.63 -13.84 -15.83
CA VAL B 30 29.17 -13.27 -14.56
C VAL B 30 27.98 -14.10 -14.06
N PRO B 31 27.78 -14.21 -12.75
CA PRO B 31 26.65 -15.00 -12.25
C PRO B 31 25.29 -14.37 -12.50
N SER B 32 25.24 -13.08 -12.84
CA SER B 32 23.99 -12.35 -13.04
C SER B 32 23.10 -12.45 -11.80
N VAL B 33 23.73 -12.35 -10.63
CA VAL B 33 23.05 -12.42 -9.35
C VAL B 33 23.35 -11.15 -8.58
N PHE B 34 22.32 -10.57 -7.96
CA PHE B 34 22.49 -9.33 -7.21
C PHE B 34 23.53 -9.50 -6.12
N ALA B 35 24.57 -8.66 -6.17
CA ALA B 35 25.65 -8.70 -5.18
C ALA B 35 26.33 -7.33 -5.15
N PRO B 36 25.84 -6.42 -4.31
CA PRO B 36 26.53 -5.13 -4.13
C PRO B 36 27.88 -5.32 -3.47
N GLN B 37 28.71 -4.28 -3.59
CA GLN B 37 30.09 -4.31 -3.10
C GLN B 37 30.89 -5.44 -3.74
N GLU B 38 30.61 -5.72 -5.00
CA GLU B 38 31.29 -6.76 -5.75
C GLU B 38 31.83 -6.15 -7.03
N GLN B 39 33.05 -6.53 -7.42
CA GLN B 39 33.72 -5.88 -8.53
C GLN B 39 33.04 -6.19 -9.86
N GLU B 40 32.72 -7.47 -10.11
CA GLU B 40 32.17 -7.87 -11.40
C GLU B 40 30.82 -7.20 -11.65
N TYR B 41 29.94 -7.21 -10.65
CA TYR B 41 28.60 -6.67 -10.81
C TYR B 41 28.64 -5.17 -11.08
N GLN B 42 29.42 -4.44 -10.26
CA GLN B 42 29.53 -3.00 -10.45
C GLN B 42 30.15 -2.67 -11.81
N GLN B 43 31.16 -3.43 -12.22
CA GLN B 43 31.80 -3.18 -13.51
C GLN B 43 30.83 -3.41 -14.65
N ALA B 44 30.01 -4.47 -14.57
CA ALA B 44 29.02 -4.70 -15.62
C ALA B 44 27.96 -3.60 -15.65
N LEU B 45 27.52 -3.16 -14.48
CA LEU B 45 26.52 -2.10 -14.45
C LEU B 45 27.08 -0.78 -14.98
N LEU B 46 28.37 -0.53 -14.77
CA LEU B 46 29.00 0.63 -15.40
C LEU B 46 29.17 0.41 -16.91
N LEU B 47 29.38 -0.84 -17.33
CA LEU B 47 29.50 -1.13 -18.76
C LEU B 47 28.19 -0.87 -19.49
N VAL B 48 27.05 -1.05 -18.80
CA VAL B 48 25.77 -0.73 -19.43
C VAL B 48 25.70 0.77 -19.76
N ALA B 49 26.08 1.61 -18.81
CA ALA B 49 26.13 3.05 -19.08
C ALA B 49 27.18 3.39 -20.13
N ALA B 50 28.28 2.63 -20.17
CA ALA B 50 29.26 2.82 -21.23
C ALA B 50 28.66 2.51 -22.60
N LEU B 51 27.85 1.46 -22.69
CA LEU B 51 27.15 1.16 -23.94
C LEU B 51 26.20 2.30 -24.32
N ALA B 52 25.51 2.87 -23.34
CA ALA B 52 24.67 4.03 -23.62
C ALA B 52 25.51 5.20 -24.12
N GLY B 53 26.70 5.39 -23.56
CA GLY B 53 27.58 6.43 -24.06
C GLY B 53 28.06 6.18 -25.48
N LEU B 54 28.30 4.91 -25.82
CA LEU B 54 28.61 4.56 -27.20
C LEU B 54 27.44 4.87 -28.12
N GLY B 55 26.21 4.65 -27.64
CA GLY B 55 25.05 5.08 -28.40
C GLY B 55 25.01 6.59 -28.60
N LEU B 56 25.36 7.34 -27.55
CA LEU B 56 25.52 8.79 -27.67
C LEU B 56 26.51 9.13 -28.78
N GLY B 57 27.66 8.48 -28.77
CA GLY B 57 28.68 8.75 -29.77
C GLY B 57 28.20 8.43 -31.18
N LEU B 58 27.50 7.30 -31.33
CA LEU B 58 26.98 6.94 -32.65
C LEU B 58 25.97 7.96 -33.15
N SER B 59 25.08 8.42 -32.26
CA SER B 59 24.12 9.44 -32.65
C SER B 59 24.81 10.74 -33.03
N LEU B 60 25.85 11.12 -32.28
CA LEU B 60 26.59 12.33 -32.62
C LEU B 60 27.28 12.21 -33.97
N ILE B 61 27.88 11.05 -34.25
CA ILE B 61 28.51 10.84 -35.55
C ILE B 61 27.48 10.90 -36.67
N PHE B 62 26.30 10.31 -36.44
CA PHE B 62 25.28 10.34 -37.48
C PHE B 62 24.79 11.75 -37.76
N ILE B 63 24.56 12.55 -36.71
CA ILE B 63 24.07 13.90 -36.95
C ILE B 63 25.17 14.76 -37.59
N ALA B 64 26.43 14.55 -37.20
CA ALA B 64 27.53 15.27 -37.83
C ALA B 64 27.64 14.90 -39.31
N VAL B 65 27.48 13.62 -39.63
CA VAL B 65 27.53 13.16 -41.02
C VAL B 65 26.41 13.79 -41.82
N TYR B 66 25.20 13.83 -41.25
CA TYR B 66 24.07 14.45 -41.96
C TYR B 66 24.34 15.92 -42.21
N LEU B 67 24.83 16.64 -41.20
CA LEU B 67 25.10 18.07 -41.35
C LEU B 67 26.19 18.31 -42.40
N ILE B 68 27.25 17.49 -42.39
CA ILE B 68 28.32 17.66 -43.37
C ILE B 68 27.81 17.36 -44.77
N ARG B 69 27.01 16.30 -44.92
CA ARG B 69 26.48 15.97 -46.23
C ARG B 69 25.58 17.08 -46.77
N PHE B 70 24.77 17.68 -45.90
CA PHE B 70 24.03 18.86 -46.31
C PHE B 70 24.96 20.01 -46.65
N CYS B 71 26.02 20.18 -45.86
CA CYS B 71 27.00 21.23 -46.11
C CYS B 71 27.89 20.89 -47.31
N VAL B 91 12.18 20.09 -44.27
CA VAL B 91 10.80 20.51 -44.13
C VAL B 91 10.53 20.90 -42.68
N THR B 92 9.89 22.07 -42.49
CA THR B 92 9.59 22.53 -41.14
C THR B 92 8.62 21.60 -40.44
N TRP B 93 7.62 21.09 -41.16
CA TRP B 93 6.63 20.21 -40.54
C TRP B 93 7.28 19.01 -39.87
N SER B 94 8.42 18.56 -40.41
CA SER B 94 9.20 17.54 -39.71
C SER B 94 9.67 18.05 -38.35
N CYS B 95 10.08 19.31 -38.29
CA CYS B 95 10.49 19.89 -37.00
C CYS B 95 9.32 19.97 -36.02
N ILE B 96 8.14 20.40 -36.50
CA ILE B 96 6.98 20.44 -35.61
C ILE B 96 6.63 19.05 -35.11
N VAL B 97 6.68 18.05 -35.99
CA VAL B 97 6.41 16.68 -35.57
C VAL B 97 7.43 16.22 -34.53
N ALA B 98 8.70 16.56 -34.74
CA ALA B 98 9.74 16.18 -33.79
C ALA B 98 9.52 16.82 -32.42
N LEU B 99 9.13 18.10 -32.40
CA LEU B 99 8.88 18.75 -31.13
C LEU B 99 7.62 18.23 -30.44
N LEU B 100 6.60 17.84 -31.20
CA LEU B 100 5.44 17.20 -30.58
C LEU B 100 5.81 15.84 -30.01
N ALA B 101 6.67 15.09 -30.70
CA ALA B 101 7.17 13.84 -30.15
C ALA B 101 7.96 14.09 -28.87
N GLY B 102 8.74 15.17 -28.85
CA GLY B 102 9.45 15.54 -27.63
C GLY B 102 8.50 15.89 -26.50
N CYS B 103 7.40 16.58 -26.81
CA CYS B 103 6.41 16.90 -25.79
C CYS B 103 5.77 15.63 -25.22
N THR B 104 5.44 14.67 -26.09
CA THR B 104 4.96 13.39 -25.60
C THR B 104 6.01 12.70 -24.74
N GLY B 105 7.28 12.78 -25.15
CA GLY B 105 8.35 12.18 -24.37
C GLY B 105 8.48 12.80 -22.99
N ILE B 106 8.37 14.12 -22.90
CA ILE B 106 8.53 14.76 -21.60
C ILE B 106 7.31 14.53 -20.72
N GLY B 107 6.13 14.35 -21.32
CA GLY B 107 5.00 13.88 -20.54
C GLY B 107 5.26 12.49 -19.97
N ILE B 108 5.81 11.59 -20.79
CA ILE B 108 6.18 10.27 -20.30
C ILE B 108 7.22 10.39 -19.18
N GLY B 109 8.15 11.34 -19.32
CA GLY B 109 9.17 11.54 -18.30
C GLY B 109 8.61 12.04 -16.99
N PHE B 110 7.67 12.98 -17.05
CA PHE B 110 6.98 13.41 -15.83
C PHE B 110 6.25 12.25 -15.18
N TYR B 111 5.57 11.43 -15.98
CA TYR B 111 4.90 10.25 -15.43
C TYR B 111 5.89 9.32 -14.76
N GLY B 112 7.02 9.06 -15.41
CA GLY B 112 8.00 8.15 -14.84
C GLY B 112 8.64 8.68 -13.56
N ASN B 113 8.94 9.98 -13.54
CA ASN B 113 9.50 10.59 -12.33
C ASN B 113 8.51 10.50 -11.18
N SER B 114 7.24 10.81 -11.44
CA SER B 114 6.23 10.66 -10.40
C SER B 114 6.12 9.22 -9.94
N GLU B 115 6.18 8.27 -10.88
CA GLU B 115 6.05 6.86 -10.53
C GLU B 115 7.19 6.40 -9.63
N THR B 116 8.43 6.74 -9.99
CA THR B 116 9.56 6.28 -9.20
C THR B 116 9.61 6.99 -7.85
N SER B 117 9.23 8.27 -7.81
CA SER B 117 9.15 8.97 -6.53
C SER B 117 8.10 8.33 -5.63
N ASP B 118 6.95 7.95 -6.20
CA ASP B 118 5.93 7.25 -5.42
C ASP B 118 6.45 5.91 -4.91
N GLY B 119 7.18 5.18 -5.74
CA GLY B 119 7.71 3.90 -5.31
C GLY B 119 8.68 4.02 -4.15
N VAL B 120 9.62 4.96 -4.26
CA VAL B 120 10.59 5.14 -3.17
C VAL B 120 9.90 5.71 -1.94
N SER B 121 8.86 6.52 -2.11
CA SER B 121 8.08 6.98 -0.95
C SER B 121 7.38 5.81 -0.26
N GLN B 122 6.87 4.86 -1.04
CA GLN B 122 6.28 3.66 -0.45
C GLN B 122 7.32 2.86 0.32
N LEU B 123 8.53 2.75 -0.24
CA LEU B 123 9.63 2.10 0.46
C LEU B 123 9.93 2.78 1.79
N SER B 124 10.04 4.11 1.77
CA SER B 124 10.36 4.85 2.98
C SER B 124 9.27 4.69 4.03
N SER B 125 8.00 4.74 3.59
CA SER B 125 6.90 4.52 4.52
C SER B 125 6.93 3.10 5.08
N ALA B 126 7.33 2.13 4.26
CA ALA B 126 7.42 0.76 4.73
C ALA B 126 8.43 0.62 5.86
N LEU B 127 9.62 1.20 5.68
CA LEU B 127 10.60 1.13 6.78
C LEU B 127 10.18 1.97 7.98
N LEU B 128 9.47 3.09 7.74
CA LEU B 128 8.96 3.86 8.87
C LEU B 128 7.99 3.02 9.71
N HIS B 129 7.09 2.30 9.04
CA HIS B 129 6.14 1.47 9.75
C HIS B 129 6.84 0.29 10.42
N ALA B 130 7.88 -0.25 9.77
CA ALA B 130 8.64 -1.32 10.40
C ALA B 130 9.30 -0.85 11.70
N ASN B 131 9.90 0.34 11.67
CA ASN B 131 10.49 0.90 12.88
C ASN B 131 9.42 1.14 13.94
N HIS B 132 8.26 1.66 13.53
CA HIS B 132 7.19 1.88 14.49
C HIS B 132 6.77 0.57 15.14
N THR B 133 6.64 -0.49 14.35
CA THR B 133 6.26 -1.79 14.89
C THR B 133 7.29 -2.32 15.87
N LEU B 134 8.58 -2.25 15.50
CA LEU B 134 9.62 -2.76 16.39
C LEU B 134 9.69 -1.95 17.68
N SER B 135 9.58 -0.63 17.54
CA SER B 135 9.56 0.24 18.73
C SER B 135 8.39 -0.22 19.61
N THR B 136 7.18 -0.32 19.05
CA THR B 136 6.03 -0.69 19.85
C THR B 136 6.25 -2.03 20.55
N ILE B 137 6.85 -3.00 19.85
CA ILE B 137 7.11 -4.31 20.45
C ILE B 137 8.00 -4.16 21.68
N ASP B 138 9.23 -3.65 21.47
CA ASP B 138 10.21 -3.58 22.60
C ASP B 138 9.69 -2.63 23.69
N HIS B 139 8.96 -1.58 23.30
CA HIS B 139 8.36 -0.69 24.29
C HIS B 139 7.40 -1.46 25.19
N LEU B 140 6.35 -2.03 24.59
CA LEU B 140 5.37 -2.81 25.35
C LEU B 140 6.05 -3.84 26.23
N VAL B 141 7.10 -4.49 25.72
CA VAL B 141 7.87 -5.40 26.57
C VAL B 141 8.44 -4.66 27.77
N LEU B 142 8.98 -3.46 27.54
CA LEU B 142 9.61 -2.71 28.64
C LEU B 142 8.59 -2.38 29.73
N GLU B 143 7.46 -1.77 29.37
CA GLU B 143 6.56 -1.42 30.47
C GLU B 143 5.84 -2.64 31.01
N THR B 144 5.72 -3.72 30.24
CA THR B 144 5.17 -4.96 30.82
C THR B 144 6.08 -5.48 31.92
N VAL B 145 7.39 -5.47 31.67
CA VAL B 145 8.34 -5.89 32.70
C VAL B 145 8.29 -4.93 33.89
N GLU B 146 8.13 -3.63 33.62
CA GLU B 146 8.04 -2.66 34.72
C GLU B 146 6.80 -2.89 35.56
N ARG B 147 5.65 -3.16 34.93
CA ARG B 147 4.43 -3.42 35.68
C ARG B 147 4.54 -4.72 36.47
N LEU B 148 5.22 -5.72 35.90
CA LEU B 148 5.48 -6.94 36.66
C LEU B 148 6.36 -6.65 37.89
N GLY B 149 7.35 -5.78 37.73
CA GLY B 149 8.17 -5.40 38.87
C GLY B 149 7.38 -4.69 39.95
N GLU B 150 6.49 -3.79 39.54
CA GLU B 150 5.62 -3.12 40.52
C GLU B 150 4.68 -4.12 41.18
N ALA B 151 4.22 -5.12 40.44
CA ALA B 151 3.42 -6.18 41.03
C ALA B 151 4.24 -6.97 42.04
N VAL B 152 5.52 -7.19 41.77
CA VAL B 152 6.40 -7.85 42.73
C VAL B 152 6.53 -7.01 43.99
N ARG B 153 6.69 -5.69 43.84
CA ARG B 153 6.77 -4.82 45.00
C ARG B 153 5.49 -4.87 45.83
N THR B 154 4.33 -4.81 45.17
CA THR B 154 3.07 -4.87 45.90
C THR B 154 2.85 -6.24 46.53
N GLU B 155 3.36 -7.30 45.90
CA GLU B 155 3.32 -8.62 46.51
C GLU B 155 4.17 -8.66 47.76
N LEU B 156 5.36 -8.06 47.72
CA LEU B 156 6.17 -7.93 48.93
C LEU B 156 5.41 -7.18 50.01
N THR B 157 4.65 -6.15 49.62
CA THR B 157 3.79 -5.45 50.56
C THR B 157 2.75 -6.40 51.15
N THR B 158 2.18 -7.27 50.34
CA THR B 158 1.19 -8.24 50.83
C THR B 158 1.81 -9.19 51.85
N LEU B 159 3.00 -9.71 51.54
CA LEU B 159 3.70 -10.57 52.50
C LEU B 159 4.02 -9.82 53.79
N GLU B 160 4.41 -8.56 53.70
CA GLU B 160 4.61 -7.75 54.90
C GLU B 160 3.30 -7.64 55.69
N GLU B 161 2.19 -7.47 54.98
CA GLU B 161 0.88 -7.43 55.63
C GLU B 161 0.54 -8.75 56.29
N VAL B 162 1.05 -9.86 55.76
CA VAL B 162 0.80 -11.17 56.34
C VAL B 162 1.67 -11.30 57.58
N LEU B 163 1.09 -11.02 58.75
CA LEU B 163 1.82 -11.14 60.01
C LEU B 163 1.85 -12.60 60.47
N GLU B 164 0.66 -13.19 60.64
CA GLU B 164 0.58 -14.60 61.00
C GLU B 164 0.94 -15.45 59.80
N PRO B 165 1.95 -16.30 59.87
CA PRO B 165 2.34 -17.14 58.72
C PRO B 165 1.48 -18.39 58.59
N ARG B 166 0.32 -18.23 57.96
CA ARG B 166 -0.59 -19.35 57.76
C ARG B 166 0.03 -20.37 56.84
N THR B 167 -0.38 -21.63 57.00
CA THR B 167 0.26 -22.73 56.29
C THR B 167 0.12 -22.58 54.78
N GLU B 168 -1.06 -22.17 54.30
CA GLU B 168 -1.32 -22.14 52.87
C GLU B 168 -1.23 -20.74 52.27
N LEU B 169 -1.55 -19.70 53.02
CA LEU B 169 -1.57 -18.35 52.45
C LEU B 169 -0.17 -17.89 52.05
N VAL B 170 0.82 -18.10 52.93
CA VAL B 170 2.17 -17.68 52.60
C VAL B 170 2.72 -18.50 51.44
N ALA B 171 2.36 -19.79 51.37
CA ALA B 171 2.79 -20.62 50.25
C ALA B 171 2.18 -20.13 48.93
N ALA B 172 0.89 -19.76 48.96
CA ALA B 172 0.27 -19.22 47.76
C ALA B 172 0.91 -17.91 47.33
N ALA B 173 1.22 -17.05 48.31
CA ALA B 173 1.88 -15.79 47.98
C ALA B 173 3.26 -16.03 47.37
N ARG B 174 4.02 -16.96 47.95
CA ARG B 174 5.34 -17.28 47.42
C ARG B 174 5.26 -17.85 46.01
N GLY B 175 4.28 -18.73 45.77
CA GLY B 175 4.10 -19.28 44.44
C GLY B 175 3.73 -18.22 43.43
N ALA B 176 2.84 -17.30 43.82
CA ALA B 176 2.49 -16.19 42.93
C ALA B 176 3.69 -15.32 42.63
N ARG B 177 4.53 -15.06 43.64
CA ARG B 177 5.73 -14.25 43.42
C ARG B 177 6.70 -14.95 42.46
N ARG B 178 6.90 -16.25 42.64
CA ARG B 178 7.76 -16.98 41.71
C ARG B 178 7.20 -16.97 40.30
N GLN B 179 5.88 -17.14 40.16
CA GLN B 179 5.26 -17.10 38.84
C GLN B 179 5.43 -15.73 38.20
N ALA B 180 5.30 -14.66 39.00
CA ALA B 180 5.52 -13.32 38.47
C ALA B 180 6.96 -13.14 38.01
N GLU B 181 7.92 -13.64 38.78
CA GLU B 181 9.32 -13.55 38.37
C GLU B 181 9.58 -14.32 37.09
N ALA B 182 9.01 -15.51 36.97
CA ALA B 182 9.18 -16.31 35.75
C ALA B 182 8.56 -15.59 34.55
N ALA B 183 7.37 -15.03 34.72
CA ALA B 183 6.74 -14.29 33.64
C ALA B 183 7.57 -13.07 33.24
N ALA B 184 8.16 -12.39 34.23
CA ALA B 184 9.02 -11.25 33.93
C ALA B 184 10.24 -11.69 33.13
N GLN B 185 10.84 -12.82 33.49
CA GLN B 185 11.98 -13.32 32.75
C GLN B 185 11.61 -13.65 31.31
N GLN B 186 10.49 -14.35 31.11
CA GLN B 186 10.06 -14.70 29.77
C GLN B 186 9.76 -13.44 28.94
N LEU B 187 9.09 -12.46 29.55
CA LEU B 187 8.82 -11.23 28.83
C LEU B 187 10.11 -10.50 28.46
N GLN B 188 11.08 -10.48 29.36
CA GLN B 188 12.39 -9.90 29.06
C GLN B 188 13.02 -10.60 27.87
N GLY B 189 12.90 -11.93 27.81
CA GLY B 189 13.42 -12.68 26.68
C GLY B 189 12.68 -12.47 25.38
N LEU B 190 11.39 -12.11 25.46
CA LEU B 190 10.60 -11.94 24.24
C LEU B 190 11.15 -10.84 23.34
N ALA B 191 11.58 -9.72 23.91
CA ALA B 191 12.08 -8.60 23.12
C ALA B 191 13.29 -9.03 22.29
N PHE B 192 13.27 -8.68 21.00
CA PHE B 192 14.33 -9.09 20.10
C PHE B 192 15.02 -7.94 19.38
N TRP B 193 14.38 -6.78 19.27
CA TRP B 193 15.03 -5.63 18.62
C TRP B 193 15.91 -4.85 19.58
N GLN B 194 15.96 -5.23 20.85
CA GLN B 194 16.82 -4.53 21.81
C GLN B 194 18.26 -4.90 21.59
N GLY B 195 19.13 -3.90 21.55
CA GLY B 195 20.55 -4.14 21.44
C GLY B 195 21.07 -4.41 20.05
N VAL B 196 20.44 -3.88 19.02
CA VAL B 196 20.92 -4.01 17.64
C VAL B 196 21.28 -2.61 17.15
N PRO B 197 22.46 -2.41 16.55
CA PRO B 197 22.84 -1.06 16.09
C PRO B 197 21.93 -0.51 15.02
N LEU B 198 21.38 -1.34 14.15
CA LEU B 198 20.58 -0.84 13.03
C LEU B 198 19.19 -0.44 13.50
N SER B 199 18.70 0.67 12.94
CA SER B 199 17.31 1.10 13.13
C SER B 199 16.76 1.55 11.79
N PRO B 200 15.52 1.20 11.45
CA PRO B 200 15.00 1.53 10.11
C PRO B 200 14.89 3.03 9.85
N LEU B 201 14.79 3.85 10.89
CA LEU B 201 14.62 5.29 10.67
C LEU B 201 15.85 5.90 9.99
N GLN B 202 17.05 5.52 10.41
CA GLN B 202 18.25 6.10 9.83
C GLN B 202 18.46 5.64 8.39
N VAL B 203 18.01 4.45 8.04
CA VAL B 203 18.14 3.94 6.68
C VAL B 203 16.93 4.29 5.83
N ALA B 204 15.92 4.94 6.41
CA ALA B 204 14.80 5.47 5.64
C ALA B 204 14.91 6.97 5.40
N GLU B 205 15.41 7.73 6.38
CA GLU B 205 15.60 9.16 6.16
C GLU B 205 16.61 9.43 5.06
N ASN B 206 17.69 8.65 4.98
CA ASN B 206 18.69 8.86 3.95
C ASN B 206 18.16 8.51 2.56
N VAL B 207 17.38 7.42 2.46
CA VAL B 207 16.83 7.07 1.16
C VAL B 207 15.80 8.09 0.71
N SER B 208 15.00 8.62 1.63
CA SER B 208 14.08 9.70 1.28
C SER B 208 14.84 10.96 0.87
N PHE B 209 15.95 11.24 1.54
CA PHE B 209 16.81 12.38 1.21
C PHE B 209 17.33 12.26 -0.22
N VAL B 210 17.90 11.11 -0.55
CA VAL B 210 18.44 10.88 -1.89
C VAL B 210 17.33 10.92 -2.93
N GLU B 211 16.17 10.33 -2.63
CA GLU B 211 15.06 10.33 -3.56
C GLU B 211 14.56 11.75 -3.81
N GLU B 212 14.49 12.58 -2.77
CA GLU B 212 14.07 13.96 -2.96
C GLU B 212 15.03 14.71 -3.87
N TYR B 213 16.34 14.55 -3.65
CA TYR B 213 17.29 15.21 -4.54
C TYR B 213 17.19 14.69 -5.98
N ARG B 214 17.02 13.38 -6.14
CA ARG B 214 16.93 12.81 -7.49
C ARG B 214 15.69 13.33 -8.21
N TRP B 215 14.55 13.38 -7.50
CA TRP B 215 13.33 13.91 -8.09
C TRP B 215 13.51 15.38 -8.46
N LEU B 216 14.15 16.17 -7.60
CA LEU B 216 14.38 17.57 -7.91
C LEU B 216 15.25 17.72 -9.15
N ALA B 217 16.31 16.92 -9.26
CA ALA B 217 17.21 17.02 -10.41
C ALA B 217 16.49 16.65 -11.70
N TYR B 218 15.72 15.57 -11.68
CA TYR B 218 15.01 15.18 -12.90
C TYR B 218 13.89 16.16 -13.25
N VAL B 219 13.23 16.75 -12.24
CA VAL B 219 12.24 17.78 -12.53
C VAL B 219 12.89 18.99 -13.19
N LEU B 220 14.07 19.39 -12.70
CA LEU B 220 14.79 20.50 -13.33
C LEU B 220 15.18 20.15 -14.76
N LEU B 221 15.63 18.92 -15.00
CA LEU B 221 15.97 18.51 -16.36
C LEU B 221 14.75 18.54 -17.27
N LEU B 222 13.60 18.06 -16.76
CA LEU B 222 12.37 18.07 -17.55
C LEU B 222 11.95 19.50 -17.89
N LEU B 223 12.05 20.40 -16.91
CA LEU B 223 11.72 21.80 -17.16
C LEU B 223 12.66 22.43 -18.17
N LEU B 224 13.95 22.09 -18.10
CA LEU B 224 14.91 22.59 -19.08
C LEU B 224 14.57 22.11 -20.49
N GLU B 225 14.21 20.84 -20.62
CA GLU B 225 13.81 20.33 -21.93
C GLU B 225 12.54 21.00 -22.43
N LEU B 226 11.58 21.24 -21.53
CA LEU B 226 10.37 21.97 -21.91
C LEU B 226 10.71 23.38 -22.40
N LEU B 227 11.64 24.04 -21.71
CA LEU B 227 12.07 25.37 -22.14
C LEU B 227 12.74 25.32 -23.50
N VAL B 228 13.54 24.28 -23.75
CA VAL B 228 14.18 24.12 -25.05
C VAL B 228 13.14 23.96 -26.15
N CYS B 229 12.13 23.11 -25.91
CA CYS B 229 11.08 22.89 -26.90
C CYS B 229 10.29 24.17 -27.15
N LEU B 230 9.96 24.90 -26.08
CA LEU B 230 9.22 26.16 -26.24
C LEU B 230 10.05 27.19 -26.97
N PHE B 231 11.37 27.22 -26.73
CA PHE B 231 12.23 28.12 -27.47
C PHE B 231 12.27 27.77 -28.94
N THR B 232 12.31 26.47 -29.27
CA THR B 232 12.23 26.05 -30.66
C THR B 232 10.92 26.53 -31.29
N LEU B 233 9.80 26.33 -30.60
CA LEU B 233 8.51 26.75 -31.14
C LEU B 233 8.45 28.25 -31.36
N LEU B 234 8.93 29.02 -30.38
CA LEU B 234 8.91 30.48 -30.50
C LEU B 234 9.82 30.95 -31.63
N GLY B 235 11.01 30.37 -31.77
CA GLY B 235 11.88 30.75 -32.85
C GLY B 235 11.30 30.43 -34.21
N LEU B 236 10.63 29.29 -34.33
CA LEU B 236 9.95 28.95 -35.58
C LEU B 236 8.81 29.92 -35.85
N ALA B 237 8.05 30.29 -34.82
CA ALA B 237 6.94 31.22 -35.01
C ALA B 237 7.43 32.64 -35.27
N LYS B 238 8.41 33.09 -34.48
CA LYS B 238 8.88 34.47 -34.58
C LYS B 238 9.75 34.69 -35.81
N GLN B 239 10.26 33.60 -36.40
CA GLN B 239 11.20 33.68 -37.55
C GLN B 239 12.45 34.43 -37.08
N SER B 240 12.98 34.06 -35.91
CA SER B 240 14.18 34.74 -35.35
C SER B 240 15.42 33.86 -35.53
N LYS B 241 16.28 34.22 -36.50
CA LYS B 241 17.52 33.45 -36.76
C LYS B 241 18.35 33.37 -35.48
N TRP B 242 18.61 34.51 -34.84
CA TRP B 242 19.44 34.58 -33.61
C TRP B 242 18.99 33.52 -32.60
N LEU B 243 17.71 33.56 -32.19
CA LEU B 243 17.19 32.59 -31.18
C LEU B 243 17.63 31.17 -31.57
N VAL B 244 17.29 30.73 -32.79
CA VAL B 244 17.61 29.33 -33.23
C VAL B 244 19.05 28.97 -32.89
N ILE B 245 20.05 29.65 -33.48
CA ILE B 245 21.47 29.24 -33.27
C ILE B 245 21.85 29.33 -31.79
N VAL B 246 21.40 30.38 -31.07
CA VAL B 246 21.80 30.57 -29.69
C VAL B 246 21.46 29.33 -28.86
N MET B 247 20.26 28.78 -29.03
CA MET B 247 19.83 27.66 -28.20
C MET B 247 20.11 26.30 -28.84
N THR B 248 20.70 26.26 -30.04
CA THR B 248 21.09 24.98 -30.62
C THR B 248 22.16 24.29 -29.78
N VAL B 249 23.10 25.07 -29.22
CA VAL B 249 24.10 24.48 -28.34
C VAL B 249 23.45 23.94 -27.08
N MET B 250 22.42 24.63 -26.57
CA MET B 250 21.68 24.10 -25.43
C MET B 250 20.95 22.82 -25.79
N SER B 251 20.42 22.74 -27.01
CA SER B 251 19.79 21.51 -27.47
C SER B 251 20.80 20.36 -27.52
N LEU B 252 22.01 20.64 -28.00
CA LEU B 252 23.05 19.62 -28.00
C LEU B 252 23.42 19.19 -26.59
N LEU B 253 23.53 20.16 -25.67
CA LEU B 253 23.87 19.83 -24.29
C LEU B 253 22.78 18.98 -23.64
N VAL B 254 21.51 19.31 -23.87
CA VAL B 254 20.44 18.53 -23.28
C VAL B 254 20.34 17.16 -23.94
N LEU B 255 20.74 17.05 -25.21
CA LEU B 255 20.83 15.73 -25.84
C LEU B 255 21.86 14.87 -25.15
N VAL B 256 23.06 15.43 -24.90
CA VAL B 256 24.10 14.68 -24.20
C VAL B 256 23.63 14.32 -22.80
N LEU B 257 22.97 15.26 -22.12
CA LEU B 257 22.48 15.01 -20.77
C LEU B 257 21.42 13.91 -20.77
N SER B 258 20.53 13.89 -21.76
CA SER B 258 19.52 12.84 -21.85
C SER B 258 20.16 11.49 -22.14
N TRP B 259 21.19 11.46 -22.98
CA TRP B 259 21.90 10.21 -23.25
C TRP B 259 22.52 9.66 -21.96
N GLY B 260 23.25 10.51 -21.24
CA GLY B 260 23.86 10.09 -19.99
C GLY B 260 22.83 9.70 -18.95
N SER B 261 21.70 10.41 -18.91
CA SER B 261 20.61 10.05 -18.03
C SER B 261 20.07 8.68 -18.37
N MET B 262 19.96 8.37 -19.67
CA MET B 262 19.51 7.04 -20.07
C MET B 262 20.48 5.99 -19.55
N GLY B 263 21.78 6.26 -19.70
CA GLY B 263 22.76 5.30 -19.20
C GLY B 263 22.63 5.06 -17.71
N LEU B 264 22.52 6.14 -16.94
CA LEU B 264 22.45 6.00 -15.49
C LEU B 264 21.18 5.29 -15.07
N GLU B 265 20.03 5.71 -15.60
CA GLU B 265 18.77 5.10 -15.21
C GLU B 265 18.63 3.68 -15.75
N ALA B 266 19.28 3.37 -16.87
CA ALA B 266 19.28 2.00 -17.36
C ALA B 266 20.10 1.10 -16.46
N ALA B 267 21.25 1.58 -15.99
CA ALA B 267 22.02 0.82 -15.01
C ALA B 267 21.20 0.61 -13.74
N THR B 268 20.53 1.65 -13.28
CA THR B 268 19.69 1.52 -12.08
C THR B 268 18.58 0.51 -12.30
N ALA B 269 17.94 0.54 -13.47
CA ALA B 269 16.86 -0.39 -13.77
C ALA B 269 17.37 -1.83 -13.84
N VAL B 270 18.53 -2.04 -14.47
CA VAL B 270 19.10 -3.38 -14.54
C VAL B 270 19.41 -3.91 -13.14
N GLY B 271 20.03 -3.08 -12.30
CA GLY B 271 20.32 -3.50 -10.95
C GLY B 271 19.06 -3.82 -10.15
N LEU B 272 18.05 -2.96 -10.28
CA LEU B 272 16.80 -3.16 -9.55
C LEU B 272 16.09 -4.42 -10.02
N SER B 273 16.06 -4.66 -11.33
CA SER B 273 15.41 -5.86 -11.85
C SER B 273 16.14 -7.12 -11.43
N ASP B 274 17.48 -7.08 -11.41
CA ASP B 274 18.23 -8.23 -10.93
C ASP B 274 17.96 -8.46 -9.45
N PHE B 275 17.81 -7.40 -8.67
CA PHE B 275 17.48 -7.54 -7.26
C PHE B 275 16.09 -8.13 -7.06
N CYS B 276 15.12 -7.71 -7.88
CA CYS B 276 13.72 -8.11 -7.73
C CYS B 276 13.43 -9.52 -8.24
N SER B 277 14.45 -10.34 -8.45
CA SER B 277 14.22 -11.71 -8.89
C SER B 277 13.50 -12.51 -7.80
N ASN B 278 12.88 -13.61 -8.22
CA ASN B 278 12.04 -14.44 -7.36
C ASN B 278 12.77 -14.91 -6.10
N PRO B 279 14.00 -15.43 -6.17
CA PRO B 279 14.69 -15.80 -4.93
C PRO B 279 15.28 -14.57 -4.26
N ASP B 280 14.91 -14.36 -2.99
CA ASP B 280 15.44 -13.26 -2.20
C ASP B 280 15.96 -13.74 -0.84
N PRO B 281 17.00 -14.57 -0.83
CA PRO B 281 17.78 -14.74 0.41
C PRO B 281 18.82 -13.66 0.58
N TYR B 282 19.01 -12.81 -0.42
CA TYR B 282 19.98 -11.72 -0.31
C TYR B 282 19.61 -10.74 0.79
N VAL B 283 18.33 -10.40 0.90
CA VAL B 283 17.88 -9.50 1.96
C VAL B 283 18.13 -10.12 3.32
N LEU B 284 17.82 -11.42 3.45
CA LEU B 284 18.07 -12.12 4.70
C LEU B 284 19.55 -12.11 5.06
N ASN B 285 20.41 -12.37 4.08
CA ASN B 285 21.85 -12.38 4.34
C ASN B 285 22.35 -10.99 4.73
N LEU B 286 21.87 -9.96 4.03
CA LEU B 286 22.29 -8.59 4.35
C LEU B 286 21.86 -8.21 5.75
N THR B 287 20.62 -8.54 6.13
CA THR B 287 20.14 -8.17 7.45
C THR B 287 20.85 -8.98 8.54
N GLN B 288 21.16 -10.25 8.27
CA GLN B 288 21.87 -11.05 9.26
C GLN B 288 23.29 -10.54 9.45
N GLU B 289 23.93 -10.08 8.37
CA GLU B 289 25.23 -9.41 8.48
C GLU B 289 25.11 -8.12 9.29
N GLU B 290 24.08 -7.32 9.04
CA GLU B 290 24.03 -5.98 9.61
C GLU B 290 23.53 -6.00 11.05
N THR B 291 22.29 -6.43 11.27
CA THR B 291 21.72 -6.44 12.61
C THR B 291 22.38 -7.50 13.49
N GLY B 292 22.67 -8.67 12.92
CA GLY B 292 23.22 -9.77 13.69
C GLY B 292 22.20 -10.69 14.32
N LEU B 293 20.93 -10.56 13.95
CA LEU B 293 19.89 -11.44 14.50
C LEU B 293 20.03 -12.84 13.93
N SER B 294 19.51 -13.81 14.68
CA SER B 294 19.55 -15.21 14.25
C SER B 294 18.69 -15.40 13.01
N SER B 295 19.03 -16.43 12.23
CA SER B 295 18.35 -16.63 10.95
C SER B 295 16.93 -17.14 11.12
N ASP B 296 16.62 -17.78 12.25
CA ASP B 296 15.27 -18.31 12.45
C ASP B 296 14.24 -17.19 12.55
N ILE B 297 14.60 -16.10 13.24
CA ILE B 297 13.70 -14.95 13.34
C ILE B 297 13.54 -14.29 11.97
N LEU B 298 14.67 -14.02 11.30
CA LEU B 298 14.62 -13.34 10.02
C LEU B 298 13.86 -14.16 8.98
N SER B 299 14.07 -15.48 8.98
CA SER B 299 13.32 -16.33 8.06
C SER B 299 11.82 -16.23 8.34
N TYR B 300 11.44 -16.24 9.62
CA TYR B 300 10.02 -16.18 9.97
C TYR B 300 9.40 -14.87 9.52
N TYR B 301 10.06 -13.74 9.78
CA TYR B 301 9.49 -12.45 9.40
C TYR B 301 9.70 -12.09 7.94
N LEU B 302 10.50 -12.84 7.19
CA LEU B 302 10.64 -12.59 5.76
C LEU B 302 9.92 -13.61 4.89
N LEU B 303 9.44 -14.70 5.45
CA LEU B 303 8.69 -15.70 4.68
C LEU B 303 7.24 -15.80 5.12
N CYS B 304 6.99 -16.03 6.41
CA CYS B 304 5.65 -16.18 6.96
C CYS B 304 4.90 -17.29 6.21
N ASN B 305 5.39 -18.51 6.40
CA ASN B 305 4.81 -19.71 5.80
C ASN B 305 4.67 -20.79 6.87
N ARG B 306 3.91 -21.84 6.55
CA ARG B 306 3.72 -22.93 7.48
C ARG B 306 4.99 -23.76 7.68
N ALA B 307 5.93 -23.69 6.73
CA ALA B 307 7.19 -24.40 6.89
C ALA B 307 8.00 -23.84 8.05
N VAL B 308 8.01 -22.52 8.21
CA VAL B 308 8.74 -21.87 9.30
C VAL B 308 7.79 -21.72 10.49
N SER B 309 8.24 -22.13 11.66
CA SER B 309 7.46 -22.02 12.88
C SER B 309 7.89 -20.79 13.67
N ASN B 310 7.02 -20.33 14.55
CA ASN B 310 7.28 -19.11 15.33
C ASN B 310 8.46 -19.34 16.26
N PRO B 311 9.55 -18.56 16.13
CA PRO B 311 10.67 -18.69 17.07
C PRO B 311 10.31 -18.25 18.48
N PHE B 312 9.30 -17.41 18.65
CA PHE B 312 8.86 -16.93 19.95
C PHE B 312 7.72 -17.77 20.53
N GLN B 313 7.35 -18.86 19.86
CA GLN B 313 6.18 -19.65 20.24
C GLN B 313 6.26 -20.14 21.68
N GLN B 314 7.23 -21.02 21.96
CA GLN B 314 7.28 -21.69 23.25
C GLN B 314 7.29 -20.69 24.39
N ARG B 315 8.20 -19.72 24.34
CA ARG B 315 8.28 -18.70 25.38
C ARG B 315 6.93 -18.00 25.55
N LEU B 316 6.31 -17.60 24.43
CA LEU B 316 5.03 -16.91 24.50
C LEU B 316 4.00 -17.75 25.22
N THR B 317 4.04 -19.07 25.05
CA THR B 317 3.15 -19.92 25.83
C THR B 317 3.53 -19.91 27.30
N LEU B 318 4.82 -20.14 27.59
CA LEU B 318 5.24 -20.31 28.98
C LEU B 318 4.82 -19.11 29.82
N SER B 319 5.19 -17.91 29.37
CA SER B 319 4.80 -16.70 30.08
C SER B 319 3.31 -16.67 30.34
N GLN B 320 2.50 -16.90 29.31
CA GLN B 320 1.06 -16.81 29.50
C GLN B 320 0.60 -17.84 30.52
N ARG B 321 1.18 -19.04 30.48
CA ARG B 321 0.86 -20.05 31.49
C ARG B 321 1.09 -19.49 32.88
N ALA B 322 2.28 -18.92 33.10
CA ALA B 322 2.57 -18.29 34.38
C ALA B 322 1.50 -17.28 34.73
N LEU B 323 1.16 -16.40 33.78
CA LEU B 323 0.12 -15.41 34.04
C LEU B 323 -1.16 -16.09 34.49
N ALA B 324 -1.60 -17.11 33.73
CA ALA B 324 -2.80 -17.84 34.11
C ALA B 324 -2.65 -18.40 35.52
N ASN B 325 -1.51 -19.02 35.81
CA ASN B 325 -1.29 -19.57 37.14
C ASN B 325 -1.45 -18.49 38.19
N ILE B 326 -0.87 -17.31 37.94
CA ILE B 326 -0.97 -16.22 38.91
C ILE B 326 -2.43 -15.95 39.21
N HIS B 327 -3.25 -15.83 38.16
CA HIS B 327 -4.66 -15.54 38.37
C HIS B 327 -5.29 -16.57 39.28
N SER B 328 -5.00 -17.86 39.03
CA SER B 328 -5.54 -18.92 39.88
C SER B 328 -5.16 -18.66 41.33
N GLN B 329 -3.86 -18.45 41.58
CA GLN B 329 -3.41 -18.21 42.95
C GLN B 329 -4.10 -16.97 43.52
N LEU B 330 -4.28 -15.95 42.68
CA LEU B 330 -4.95 -14.74 43.14
C LEU B 330 -6.33 -15.07 43.67
N LEU B 331 -7.10 -15.91 42.96
CA LEU B 331 -8.44 -16.25 43.41
C LEU B 331 -8.39 -16.89 44.80
N GLY B 332 -7.34 -17.68 45.07
CA GLY B 332 -7.20 -18.22 46.41
C GLY B 332 -7.14 -17.12 47.45
N LEU B 333 -6.24 -16.16 47.25
CA LEU B 333 -6.16 -15.03 48.16
C LEU B 333 -7.44 -14.20 48.13
N GLU B 334 -8.19 -14.27 47.04
CA GLU B 334 -9.47 -13.58 46.98
C GLU B 334 -10.54 -14.33 47.76
N ARG B 335 -10.46 -15.66 47.79
CA ARG B 335 -11.55 -16.45 48.34
C ARG B 335 -11.33 -16.90 49.77
N GLU B 336 -10.11 -16.85 50.28
CA GLU B 336 -9.84 -17.25 51.66
C GLU B 336 -9.13 -16.17 52.47
N ALA B 337 -8.19 -15.44 51.87
CA ALA B 337 -7.40 -14.48 52.62
C ALA B 337 -8.16 -13.18 52.91
N VAL B 338 -9.04 -12.76 52.01
CA VAL B 338 -9.70 -11.46 52.16
C VAL B 338 -10.53 -11.39 53.44
N PRO B 339 -11.43 -12.33 53.75
CA PRO B 339 -12.17 -12.23 55.01
C PRO B 339 -11.26 -12.29 56.24
N GLN B 340 -10.20 -13.09 56.18
CA GLN B 340 -9.29 -13.20 57.32
C GLN B 340 -8.37 -11.98 57.42
N PHE B 341 -7.91 -11.47 56.28
CA PHE B 341 -6.93 -10.37 56.22
C PHE B 341 -7.57 -9.23 55.42
N PRO B 342 -8.45 -8.45 56.04
CA PRO B 342 -9.15 -7.40 55.28
C PRO B 342 -8.21 -6.35 54.70
N SER B 343 -7.07 -6.09 55.33
CA SER B 343 -6.16 -5.06 54.84
C SER B 343 -5.52 -5.44 53.52
N ALA B 344 -5.61 -6.71 53.11
CA ALA B 344 -5.05 -7.16 51.84
C ALA B 344 -5.96 -6.91 50.65
N GLN B 345 -7.16 -6.36 50.87
CA GLN B 345 -8.10 -6.16 49.77
C GLN B 345 -7.56 -5.19 48.74
N LYS B 346 -7.10 -4.02 49.19
CA LYS B 346 -6.60 -3.02 48.25
C LYS B 346 -5.37 -3.50 47.48
N PRO B 347 -4.33 -4.06 48.11
CA PRO B 347 -3.22 -4.61 47.30
C PRO B 347 -3.66 -5.75 46.39
N LEU B 348 -4.60 -6.59 46.81
CA LEU B 348 -5.07 -7.66 45.93
C LEU B 348 -5.76 -7.09 44.70
N LEU B 349 -6.58 -6.05 44.89
CA LEU B 349 -7.16 -5.37 43.74
C LEU B 349 -6.10 -4.73 42.86
N SER B 350 -5.03 -4.22 43.48
CA SER B 350 -3.93 -3.68 42.70
C SER B 350 -3.29 -4.76 41.82
N LEU B 351 -3.03 -5.94 42.39
CA LEU B 351 -2.51 -7.04 41.58
C LEU B 351 -3.49 -7.45 40.49
N GLU B 352 -4.80 -7.45 40.79
CA GLU B 352 -5.77 -7.81 39.77
C GLU B 352 -5.74 -6.82 38.61
N GLU B 353 -5.67 -5.53 38.92
CA GLU B 353 -5.59 -4.52 37.87
C GLU B 353 -4.29 -4.65 37.07
N THR B 354 -3.17 -4.90 37.75
CA THR B 354 -1.92 -5.10 37.04
C THR B 354 -2.01 -6.32 36.13
N LEU B 355 -2.65 -7.39 36.60
CA LEU B 355 -2.80 -8.59 35.79
C LEU B 355 -3.65 -8.30 34.56
N ASN B 356 -4.74 -7.56 34.71
CA ASN B 356 -5.57 -7.22 33.56
C ASN B 356 -4.81 -6.36 32.56
N VAL B 357 -4.08 -5.36 33.05
CA VAL B 357 -3.33 -4.48 32.15
C VAL B 357 -2.23 -5.25 31.44
N THR B 358 -1.52 -6.12 32.16
CA THR B 358 -0.43 -6.86 31.54
C THR B 358 -0.95 -7.95 30.61
N GLU B 359 -2.18 -8.45 30.83
CA GLU B 359 -2.75 -9.38 29.87
C GLU B 359 -3.16 -8.67 28.60
N GLY B 360 -3.71 -7.46 28.72
CA GLY B 360 -3.96 -6.66 27.53
C GLY B 360 -2.67 -6.36 26.76
N ASN B 361 -1.61 -5.99 27.49
CA ASN B 361 -0.33 -5.75 26.85
C ASN B 361 0.23 -7.01 26.22
N PHE B 362 0.04 -8.15 26.86
CA PHE B 362 0.51 -9.42 26.31
C PHE B 362 -0.23 -9.76 25.02
N HIS B 363 -1.55 -9.52 24.99
CA HIS B 363 -2.29 -9.74 23.76
C HIS B 363 -1.81 -8.81 22.65
N GLN B 364 -1.55 -7.55 22.99
CA GLN B 364 -1.01 -6.62 22.00
C GLN B 364 0.35 -7.10 21.49
N LEU B 365 1.20 -7.60 22.39
CA LEU B 365 2.51 -8.09 22.00
C LEU B 365 2.41 -9.30 21.10
N VAL B 366 1.53 -10.24 21.44
CA VAL B 366 1.33 -11.43 20.61
C VAL B 366 0.81 -11.05 19.24
N ALA B 367 -0.07 -10.04 19.18
CA ALA B 367 -0.52 -9.54 17.90
C ALA B 367 0.61 -8.87 17.13
N LEU B 368 1.58 -8.30 17.84
CA LEU B 368 2.70 -7.62 17.19
C LEU B 368 3.86 -8.54 16.86
N LEU B 369 3.82 -9.80 17.29
CA LEU B 369 4.88 -10.76 17.02
C LEU B 369 4.53 -11.74 15.91
N HIS B 370 3.46 -11.47 15.17
CA HIS B 370 3.06 -12.32 14.04
C HIS B 370 3.77 -11.87 12.77
N CYS B 371 3.78 -12.75 11.77
CA CYS B 371 4.41 -12.41 10.50
C CYS B 371 3.72 -11.25 9.81
N ARG B 372 2.38 -11.26 9.80
CA ARG B 372 1.64 -10.24 9.05
C ARG B 372 1.94 -8.83 9.54
N SER B 373 2.40 -8.70 10.79
CA SER B 373 2.75 -7.38 11.31
C SER B 373 3.88 -6.75 10.51
N LEU B 374 4.90 -7.54 10.17
CA LEU B 374 6.05 -7.05 9.42
C LEU B 374 6.24 -7.70 8.06
N HIS B 375 5.75 -8.93 7.85
CA HIS B 375 5.83 -9.53 6.53
C HIS B 375 5.02 -8.74 5.51
N LYS B 376 3.84 -8.25 5.92
CA LYS B 376 3.05 -7.41 5.02
C LYS B 376 3.77 -6.11 4.71
N ASP B 377 4.45 -5.53 5.69
CA ASP B 377 5.23 -4.31 5.45
C ASP B 377 6.36 -4.58 4.47
N TYR B 378 7.03 -5.72 4.62
CA TYR B 378 8.08 -6.10 3.68
C TYR B 378 7.51 -6.33 2.28
N GLY B 379 6.34 -6.96 2.20
CA GLY B 379 5.71 -7.16 0.91
C GLY B 379 5.38 -5.84 0.23
N ALA B 380 4.88 -4.88 1.01
CA ALA B 380 4.60 -3.55 0.46
C ALA B 380 5.88 -2.86 0.05
N ALA B 381 6.97 -3.05 0.82
CA ALA B 381 8.25 -2.47 0.46
C ALA B 381 8.74 -3.00 -0.88
N LEU B 382 8.67 -4.32 -1.06
CA LEU B 382 9.06 -4.90 -2.35
C LEU B 382 8.12 -4.50 -3.47
N ARG B 383 6.83 -4.34 -3.17
CA ARG B 383 5.90 -3.84 -4.17
C ARG B 383 6.32 -2.46 -4.65
N GLY B 384 6.58 -1.54 -3.72
CA GLY B 384 7.01 -0.22 -4.11
C GLY B 384 8.36 -0.22 -4.81
N LEU B 385 9.27 -1.10 -4.40
CA LEU B 385 10.61 -1.14 -4.97
C LEU B 385 10.67 -1.81 -6.34
N CYS B 386 9.73 -2.67 -6.68
CA CYS B 386 9.74 -3.30 -8.00
C CYS B 386 8.56 -2.85 -8.86
N GLU B 387 7.32 -3.14 -8.43
CA GLU B 387 6.17 -2.91 -9.29
C GLU B 387 5.97 -1.43 -9.60
N ASP B 388 6.47 -0.54 -8.75
CA ASP B 388 6.43 0.89 -9.00
C ASP B 388 7.75 1.43 -9.53
N ALA B 389 8.85 1.13 -8.83
CA ALA B 389 10.13 1.72 -9.17
C ALA B 389 10.65 1.24 -10.52
N LEU B 390 10.56 -0.07 -10.80
CA LEU B 390 11.06 -0.57 -12.07
C LEU B 390 10.25 -0.01 -13.24
N GLU B 391 8.93 0.07 -13.07
CA GLU B 391 8.10 0.67 -14.11
C GLU B 391 8.46 2.14 -14.32
N GLY B 392 8.73 2.86 -13.23
CA GLY B 392 9.19 4.23 -13.37
C GLY B 392 10.49 4.33 -14.12
N LEU B 393 11.43 3.43 -13.83
CA LEU B 393 12.71 3.44 -14.53
C LEU B 393 12.53 3.14 -16.01
N LEU B 394 11.64 2.21 -16.35
CA LEU B 394 11.36 1.95 -17.76
C LEU B 394 10.72 3.16 -18.43
N PHE B 395 9.88 3.89 -17.70
CA PHE B 395 9.30 5.10 -18.27
C PHE B 395 10.37 6.17 -18.49
N LEU B 396 11.36 6.26 -17.59
CA LEU B 396 12.51 7.12 -17.84
C LEU B 396 13.30 6.66 -19.06
N LEU B 397 13.42 5.34 -19.26
CA LEU B 397 14.07 4.84 -20.46
C LEU B 397 13.34 5.31 -21.71
N LEU B 398 12.01 5.21 -21.69
CA LEU B 398 11.22 5.65 -22.84
C LEU B 398 11.35 7.15 -23.05
N PHE B 399 11.35 7.92 -21.96
CA PHE B 399 11.72 9.33 -22.02
C PHE B 399 13.03 9.55 -22.75
N SER B 400 14.07 8.84 -22.33
CA SER B 400 15.40 9.10 -22.89
C SER B 400 15.45 8.76 -24.37
N LEU B 401 14.84 7.63 -24.76
CA LEU B 401 14.84 7.25 -26.17
C LEU B 401 14.07 8.27 -27.01
N LEU B 402 12.87 8.65 -26.57
CA LEU B 402 12.07 9.61 -27.32
C LEU B 402 12.77 10.97 -27.39
N SER B 403 13.36 11.41 -26.28
CA SER B 403 14.04 12.70 -26.27
C SER B 403 15.26 12.68 -27.18
N ALA B 404 16.02 11.59 -27.17
CA ALA B 404 17.17 11.48 -28.07
C ALA B 404 16.73 11.53 -29.52
N GLY B 405 15.65 10.83 -29.87
CA GLY B 405 15.16 10.87 -31.23
C GLY B 405 14.68 12.26 -31.63
N ALA B 406 13.89 12.89 -30.77
CA ALA B 406 13.35 14.21 -31.08
C ALA B 406 14.46 15.25 -31.20
N LEU B 407 15.46 15.21 -30.32
CA LEU B 407 16.54 16.17 -30.40
C LEU B 407 17.46 15.88 -31.58
N ALA B 408 17.64 14.61 -31.95
CA ALA B 408 18.38 14.32 -33.17
C ALA B 408 17.68 14.90 -34.39
N THR B 409 16.36 14.74 -34.46
CA THR B 409 15.60 15.36 -35.54
C THR B 409 15.69 16.88 -35.48
N ALA B 410 15.74 17.45 -34.28
CA ALA B 410 15.86 18.90 -34.15
C ALA B 410 17.20 19.39 -34.68
N LEU B 411 18.30 18.78 -34.25
CA LEU B 411 19.60 19.15 -34.78
C LEU B 411 19.78 18.77 -36.25
N CYS B 412 18.91 17.92 -36.80
CA CYS B 412 18.93 17.68 -38.23
C CYS B 412 18.09 18.67 -39.01
N SER B 413 17.07 19.27 -38.39
CA SER B 413 16.13 20.15 -39.07
C SER B 413 16.43 21.64 -38.88
N LEU B 414 16.56 22.08 -37.63
CA LEU B 414 16.80 23.51 -37.37
C LEU B 414 18.01 24.07 -38.10
N PRO B 415 19.18 23.42 -38.15
CA PRO B 415 20.26 23.96 -39.00
C PRO B 415 19.89 24.04 -40.47
N ARG B 416 19.06 23.11 -40.96
CA ARG B 416 18.62 23.14 -42.35
C ARG B 416 17.66 24.30 -42.64
N ALA B 417 17.12 24.94 -41.60
CA ALA B 417 16.21 26.06 -41.78
C ALA B 417 16.71 27.37 -41.20
N TRP B 418 17.84 27.33 -40.49
CA TRP B 418 18.35 28.56 -39.83
C TRP B 418 18.58 29.65 -40.88
N ALA B 419 19.47 29.39 -41.84
CA ALA B 419 19.76 30.37 -42.91
C ALA B 419 18.56 30.47 -43.86
N LEU B 420 17.69 29.45 -43.88
CA LEU B 420 16.53 29.42 -44.81
C LEU B 420 15.35 30.19 -44.21
N PHE B 421 15.56 31.45 -43.80
CA PHE B 421 14.45 32.29 -43.29
C PHE B 421 14.18 33.39 -44.33
N PRO B 422 12.90 33.76 -44.60
CA PRO B 422 12.58 34.73 -45.67
C PRO B 422 13.39 36.01 -45.55
N PRO B 423 13.63 36.66 -44.37
CA PRO B 423 14.50 37.84 -44.32
C PRO B 423 15.91 37.47 -43.82
C1 NAG C . -14.21 -14.53 0.05
C2 NAG C . -13.40 -15.67 0.67
C3 NAG C . -13.96 -17.01 0.21
C4 NAG C . -15.45 -17.09 0.53
C5 NAG C . -16.19 -15.86 0.01
C6 NAG C . -17.63 -15.79 0.47
C7 NAG C . -11.45 -15.69 -0.86
C8 NAG C . -9.96 -15.53 -0.93
N2 NAG C . -11.98 -15.56 0.36
O3 NAG C . -13.23 -18.04 0.87
O4 NAG C . -16.00 -18.25 -0.08
O5 NAG C . -15.57 -14.64 0.45
O6 NAG C . -17.73 -15.46 1.85
O7 NAG C . -12.13 -15.90 -1.85
C1 NAG C . -16.64 -19.23 0.80
C2 NAG C . -15.63 -19.70 1.87
C3 NAG C . -16.29 -19.74 3.25
C4 NAG C . -17.69 -20.36 3.20
C5 NAG C . -18.55 -19.71 2.12
C6 NAG C . -19.79 -19.04 2.67
C7 NAG C . -14.06 -21.18 0.69
C8 NAG C . -13.62 -22.59 0.47
N2 NAG C . -15.09 -21.01 1.53
O3 NAG C . -16.38 -18.41 3.76
O4 NAG C . -17.59 -21.75 2.94
O5 NAG C . -17.80 -18.69 1.45
O6 NAG C . -19.90 -17.71 2.20
O7 NAG C . -13.51 -20.23 0.14
C1 NAG D . 12.69 4.97 14.87
C2 NAG D . 11.64 5.30 15.95
C3 NAG D . 12.24 6.02 17.15
C4 NAG D . 13.38 5.15 17.66
C5 NAG D . 14.43 5.20 16.54
C6 NAG D . 15.79 4.62 16.91
C7 NAG D . 9.37 5.47 15.19
C8 NAG D . 8.72 5.73 13.85
N2 NAG D . 10.54 6.05 15.37
O3 NAG D . 11.23 6.23 18.13
O4 NAG D . 13.86 5.59 18.94
O5 NAG D . 13.92 4.49 15.41
O6 NAG D . 15.66 3.23 17.28
O7 NAG D . 8.83 4.77 16.03
C1 NAG D . 13.80 4.59 20.00
C2 NAG D . 12.75 3.47 19.78
C3 NAG D . 13.27 2.06 20.07
C4 NAG D . 14.31 1.96 21.18
C5 NAG D . 15.07 3.26 21.43
C6 NAG D . 16.50 2.98 21.86
C7 NAG D . 11.35 4.41 21.65
C8 NAG D . 10.53 5.65 21.53
N2 NAG D . 11.51 3.70 20.53
O3 NAG D . 13.83 1.53 18.86
O4 NAG D . 13.66 1.58 22.39
O5 NAG D . 15.08 4.04 20.25
O6 NAG D . 16.57 3.04 23.29
O7 NAG D . 11.82 4.05 22.73
C1 NAG E . -27.49 5.77 9.57
C2 NAG E . -27.93 7.14 10.08
C3 NAG E . -29.45 7.17 10.26
C4 NAG E . -30.15 6.74 8.98
C5 NAG E . -29.61 5.40 8.51
C6 NAG E . -30.18 4.96 7.19
C7 NAG E . -26.99 8.73 11.69
C8 NAG E . -26.29 8.89 13.02
N2 NAG E . -27.26 7.48 11.32
O3 NAG E . -29.86 8.49 10.62
O4 NAG E . -31.55 6.65 9.19
O5 NAG E . -28.19 5.46 8.36
O6 NAG E . -29.15 4.55 6.29
O7 NAG E . -27.29 9.70 11.01
C1 NAG F . 5.06 -27.69 20.87
C2 NAG F . 6.23 -28.68 20.97
C3 NAG F . 7.56 -27.94 20.87
C4 NAG F . 7.59 -27.08 19.61
C5 NAG F . 6.38 -26.16 19.56
C6 NAG F . 6.28 -25.37 18.28
C7 NAG F . 6.47 -30.75 22.25
C8 NAG F . 6.37 -31.40 23.60
N2 NAG F . 6.17 -29.45 22.20
O3 NAG F . 8.62 -28.88 20.85
O4 NAG F . 8.77 -26.29 19.59
O5 NAG F . 5.16 -26.93 19.67
O6 NAG F . 6.96 -26.03 17.22
O7 NAG F . 6.79 -31.39 21.26
C1 NAG G . 26.30 -13.47 2.67
C2 NAG G . 26.77 -14.54 1.68
C3 NAG G . 28.25 -14.85 1.89
C4 NAG G . 29.07 -13.57 1.84
C5 NAG G . 28.51 -12.54 2.83
C6 NAG G . 29.22 -11.21 2.76
C7 NAG G . 25.75 -16.58 0.77
C8 NAG G . 24.90 -17.78 1.08
N2 NAG G . 25.97 -15.74 1.80
O3 NAG G . 28.70 -15.75 0.89
O4 NAG G . 30.42 -13.85 2.18
O5 NAG G . 27.14 -12.31 2.55
O6 NAG G . 28.29 -10.15 2.60
O7 NAG G . 26.21 -16.38 -0.34
C1 NAG H . -10.30 -6.29 32.51
C2 NAG H . -11.61 -5.95 33.20
C3 NAG H . -12.77 -5.99 32.20
C4 NAG H . -12.47 -5.11 31.00
C5 NAG H . -11.12 -5.48 30.40
C6 NAG H . -10.71 -4.56 29.27
C7 NAG H . -12.18 -6.43 35.54
C8 NAG H . -12.41 -7.49 36.57
N2 NAG H . -11.87 -6.85 34.32
O3 NAG H . -13.97 -5.57 32.84
O4 NAG H . -13.48 -5.26 30.02
O5 NAG H . -10.09 -5.40 31.40
O6 NAG H . -11.10 -5.07 28.00
O7 NAG H . -12.25 -5.23 35.81
#